data_7WI7
#
_entry.id   7WI7
#
_cell.length_a   185.616
_cell.length_b   185.616
_cell.length_c   185.616
_cell.angle_alpha   90.000
_cell.angle_beta   90.000
_cell.angle_gamma   90.000
#
_symmetry.space_group_name_H-M   'P 21 3'
#
loop_
_entity.id
_entity.type
_entity.pdbx_description
1 polymer 'DNA helicase MCM8'
2 polymer 'DNA helicase MCM9'
3 non-polymer 'ZINC ION'
#
loop_
_entity_poly.entity_id
_entity_poly.type
_entity_poly.pdbx_seq_one_letter_code
_entity_poly.pdbx_strand_id
1 'polypeptide(L)'
;MTPQSMQSTLDRFIPYKGWKLYFSEVYSDSSPLIEKIQAFEKFFTRHIDLYDKDEIERKGSILVDFKELTEGGEVTNLIP
DIATELRDAPEKTLACMGLAIHQVLTKDLERHAAELQAQEGLSNDGETMVNVPHIHARVYNYEPLTQLKNVRANYYGKYI
ALRGTVVRVSNIKPLCTKMAFLCAACGEIQSFPLPDGKYSLPTKCPVPVCRGRSFTALRSSPLTVTMDWQSIKIQELMSD
DQREAGRIPRTIECELVHDLVDSCVPGDTVTITGIVKVSNAEEGSRNKNDKCMFLLYIEANSISNSKGQKTKSSEDGCKH
GMLMEFSLKDLYAIQEIQAEENLFKLIVNSLCPVIFGHELVKAGLALALFGGSQKYADDKNRIPIRGDPHILVVGDPGLG
KSQMLQAACNVAPRGVYVCGNTTTTSGLTVTLSKDSSSGDFALEAGALVLGDQGICGIDEFDKMGNQHQALLEAMEQQSI
SLAKAGVVCSLPARTSIIAAANPVGGHYNKAKTVSENLKMGSALLSRFDLVFILLDTPNEHHDHLLSEHVIAIRAGKQRT
ISSATVARMNSQDSNTSVLEVVSEKPLSERLKVVPGETIDPIPHQLLRKYIGYARQYVYPRLSTEAARVLQDFYLELRKQ
SQRLNSSPITTRQLESLIRLTEARARLELREEATKEDAEDIVEIMKYSMLGTYSDEFGNLDFERSQHGSGMSNRSTAKRF
ISALNNVAERTYNNIFQFHQLRQIAKELNIQVADFENFIGSLNDQGYLLKKGPKVYQLQTMHHHHHH
;
A
2 'polypeptide(L)'
;MNSDQVTLVGQVFESYVSEYHKNDILLILKERDEDAHYPVVVNAMTLFETNMEIGEYFNMFPSEVLTIFDSALRRSALTI
LQSLSQPEAVSMKQNLHARISGLPVCPELVREHIPKTKDVGHFLSVTGTVIRTSLVKVLEFERDYMCNKCKHVFVIKADF
EQYYTFCRPSSCPSLESCDSSKFTCLSGLSSSPTRCRDYQEIKIQEQVQRLSVGSIPRSMKVILEDDLVDSCKSGDDLTI
YGIVMQRWKPFQQDVRCEVEIVLKANYIQVNNEQSSGIIMDEEVQKEFEDFWEYYKSDPFAGRNVILASLCPQVFGMYLV
KLAVAMVLAGGIQRTDATGTRVRGESHLLLVGDPGTGKSQFLKYAAKITPRSVLTTGIGSTSAGLTVTAVKDSGEWNLEA
GALVLADAGLCCIDEFNSLKEHDRTSIHEAMEQQTISVAKAGLVCKLNTRTTILAATNPKGQYDPQESVSVNIALGSPLL
SRFDLILVLLDTKNEDWDRIISSFILENKGYPSKSEKLWSMEKMKTYFCLIRNLQPTLSDVGNQVLLRYYQMQRQSDCRN
AARTTIRLLESLIRLAEAHARLMFRDTVTLEDAITVVSVMESSMQGGALLGGVNALHTSFPENPGEQYQRQCELILEKLE
LQSLLSEELRRLERLQNQSVHQSQPRVLEVETTPGSLRNGPGEE
;
B
#
loop_
_chem_comp.id
_chem_comp.type
_chem_comp.name
_chem_comp.formula
ZN non-polymer 'ZINC ION' 'Zn 2'
#
# COMPACT_ATOMS: atom_id res chain seq x y z
N PRO A 15 10.46 40.07 19.52
CA PRO A 15 11.57 39.27 20.06
C PRO A 15 11.27 37.78 20.05
N TYR A 16 10.01 37.42 19.85
CA TYR A 16 9.56 36.03 19.83
C TYR A 16 8.94 35.76 18.46
N LYS A 17 9.78 35.43 17.48
CA LYS A 17 9.28 35.01 16.18
C LYS A 17 8.65 33.63 16.30
N GLY A 18 7.41 33.51 15.82
CA GLY A 18 6.65 32.29 16.00
C GLY A 18 5.73 32.29 17.19
N TRP A 19 5.48 33.45 17.81
CA TRP A 19 4.57 33.53 18.95
C TRP A 19 3.16 33.13 18.53
N LYS A 20 2.73 33.57 17.35
CA LYS A 20 1.39 33.25 16.86
C LYS A 20 1.28 31.84 16.31
N LEU A 21 2.39 31.12 16.16
CA LEU A 21 2.35 29.73 15.75
C LEU A 21 1.98 28.78 16.89
N TYR A 22 2.03 29.26 18.13
CA TYR A 22 1.70 28.44 19.30
C TYR A 22 0.59 29.04 20.15
N PHE A 23 0.57 30.35 20.32
CA PHE A 23 -0.45 31.02 21.13
C PHE A 23 -1.27 31.95 20.25
N SER A 24 -2.59 31.94 20.47
CA SER A 24 -3.48 32.87 19.77
C SER A 24 -3.56 34.22 20.46
N GLU A 25 -2.92 34.39 21.62
CA GLU A 25 -2.95 35.64 22.35
C GLU A 25 -1.97 36.64 21.74
N VAL A 26 -2.08 37.89 22.17
CA VAL A 26 -1.15 38.93 21.75
C VAL A 26 0.09 38.87 22.64
N TYR A 27 1.26 39.05 22.03
CA TYR A 27 2.51 38.97 22.79
C TYR A 27 2.61 40.11 23.79
N SER A 28 2.92 39.76 25.03
CA SER A 28 3.09 40.74 26.09
C SER A 28 4.13 40.22 27.07
N ASP A 29 5.18 41.01 27.32
CA ASP A 29 6.25 40.60 28.21
C ASP A 29 5.80 40.50 29.67
N SER A 30 4.61 40.99 30.00
CA SER A 30 4.08 40.88 31.35
C SER A 30 3.23 39.64 31.55
N SER A 31 2.95 38.88 30.50
CA SER A 31 2.13 37.69 30.63
C SER A 31 2.93 36.58 31.32
N PRO A 32 2.25 35.72 32.08
CA PRO A 32 2.96 34.63 32.77
C PRO A 32 3.53 33.57 31.82
N LEU A 33 3.21 33.64 30.53
CA LEU A 33 3.77 32.68 29.57
C LEU A 33 5.28 32.80 29.46
N ILE A 34 5.81 34.02 29.59
CA ILE A 34 7.23 34.27 29.35
C ILE A 34 8.09 33.45 30.31
N GLU A 35 7.62 33.27 31.54
CA GLU A 35 8.40 32.55 32.54
C GLU A 35 8.61 31.10 32.15
N LYS A 36 7.52 30.39 31.86
CA LYS A 36 7.63 29.00 31.44
C LYS A 36 8.38 28.87 30.11
N ILE A 37 8.15 29.82 29.20
CA ILE A 37 8.83 29.79 27.90
C ILE A 37 10.34 29.88 28.09
N GLN A 38 10.79 30.81 28.93
CA GLN A 38 12.22 30.95 29.18
C GLN A 38 12.77 29.77 29.97
N ALA A 39 11.95 29.17 30.84
CA ALA A 39 12.39 27.96 31.54
C ALA A 39 12.71 26.84 30.55
N PHE A 40 11.75 26.53 29.67
CA PHE A 40 12.00 25.49 28.68
C PHE A 40 13.08 25.90 27.69
N GLU A 41 13.24 27.19 27.44
CA GLU A 41 14.32 27.65 26.56
C GLU A 41 15.69 27.39 27.18
N LYS A 42 15.83 27.64 28.49
CA LYS A 42 17.06 27.29 29.18
C LYS A 42 17.29 25.78 29.13
N PHE A 43 16.24 25.00 29.39
CA PHE A 43 16.37 23.54 29.35
C PHE A 43 16.85 23.07 27.98
N PHE A 44 16.35 23.69 26.91
CA PHE A 44 16.72 23.26 25.56
C PHE A 44 18.10 23.78 25.14
N THR A 45 18.49 24.98 25.60
CA THR A 45 19.83 25.47 25.31
C THR A 45 20.89 24.64 26.02
N ARG A 46 20.59 24.16 27.23
CA ARG A 46 21.56 23.32 27.94
C ARG A 46 21.64 21.92 27.35
N HIS A 47 20.60 21.47 26.66
CA HIS A 47 20.56 20.14 26.05
C HIS A 47 20.34 20.24 24.54
N ILE A 48 21.01 21.20 23.90
CA ILE A 48 20.85 21.37 22.46
C ILE A 48 21.65 20.33 21.69
N ASP A 49 22.75 19.83 22.27
CA ASP A 49 23.56 18.81 21.61
C ASP A 49 22.97 17.42 21.70
N LEU A 50 21.97 17.21 22.56
CA LEU A 50 21.38 15.89 22.74
C LEU A 50 20.41 15.52 21.62
N TYR A 51 19.90 16.51 20.88
CA TYR A 51 18.95 16.29 19.81
C TYR A 51 19.57 16.62 18.46
N ASP A 52 18.93 16.12 17.40
CA ASP A 52 19.35 16.39 16.03
C ASP A 52 18.52 17.55 15.50
N LYS A 53 19.14 18.72 15.38
CA LYS A 53 18.41 19.91 14.95
C LYS A 53 17.88 19.76 13.53
N ASP A 54 18.61 19.06 12.66
CA ASP A 54 18.15 18.86 11.29
C ASP A 54 16.87 18.04 11.25
N GLU A 55 16.82 16.95 12.02
CA GLU A 55 15.61 16.13 12.07
C GLU A 55 14.45 16.88 12.70
N ILE A 56 14.73 17.70 13.73
CA ILE A 56 13.68 18.50 14.35
C ILE A 56 13.09 19.48 13.36
N GLU A 57 13.95 20.11 12.55
CA GLU A 57 13.46 21.08 11.57
C GLU A 57 12.70 20.39 10.44
N ARG A 58 13.17 19.21 10.01
CA ARG A 58 12.51 18.52 8.90
C ARG A 58 11.17 17.96 9.32
N LYS A 59 11.15 17.13 10.37
CA LYS A 59 9.91 16.52 10.81
C LYS A 59 8.97 17.52 11.49
N GLY A 60 9.49 18.67 11.92
CA GLY A 60 8.66 19.65 12.59
C GLY A 60 8.22 19.25 13.99
N SER A 61 9.01 18.43 14.67
CA SER A 61 8.68 18.00 16.02
C SER A 61 9.97 17.66 16.76
N ILE A 62 9.83 17.42 18.07
CA ILE A 62 10.97 17.08 18.91
C ILE A 62 10.49 16.11 19.99
N LEU A 63 11.26 15.04 20.19
CA LEU A 63 10.93 14.02 21.19
C LEU A 63 11.78 14.26 22.43
N VAL A 64 11.13 14.58 23.55
CA VAL A 64 11.79 14.87 24.80
C VAL A 64 11.41 13.79 25.81
N ASP A 65 12.41 13.24 26.48
CA ASP A 65 12.15 12.23 27.50
C ASP A 65 11.61 12.89 28.77
N PHE A 66 10.54 12.30 29.33
CA PHE A 66 9.94 12.86 30.53
C PHE A 66 10.88 12.75 31.73
N LYS A 67 11.80 11.78 31.70
CA LYS A 67 12.79 11.67 32.76
C LYS A 67 13.83 12.78 32.71
N GLU A 68 14.02 13.39 31.54
CA GLU A 68 14.94 14.53 31.44
C GLU A 68 14.34 15.77 32.09
N LEU A 69 13.02 15.95 31.94
CA LEU A 69 12.36 17.10 32.56
C LEU A 69 12.32 16.96 34.08
N THR A 70 12.13 15.74 34.58
CA THR A 70 12.13 15.46 36.01
C THR A 70 13.49 14.99 36.50
N GLU A 71 14.58 15.42 35.84
CA GLU A 71 15.91 15.01 36.26
C GLU A 71 16.28 15.63 37.60
N GLY A 72 15.93 16.90 37.81
CA GLY A 72 16.26 17.57 39.05
C GLY A 72 17.70 18.02 39.13
N GLY A 73 17.92 19.33 39.18
CA GLY A 73 19.26 19.87 39.27
C GLY A 73 19.36 21.31 38.84
N GLU A 74 20.07 21.57 37.74
CA GLU A 74 20.26 22.91 37.22
C GLU A 74 19.66 23.12 35.85
N VAL A 75 19.73 22.11 34.97
CA VAL A 75 19.08 22.21 33.67
C VAL A 75 17.57 22.32 33.82
N THR A 76 17.02 21.64 34.83
CA THR A 76 15.60 21.72 35.15
C THR A 76 15.34 22.57 36.39
N ASN A 77 16.14 23.61 36.58
CA ASN A 77 16.00 24.45 37.77
C ASN A 77 14.74 25.28 37.72
N LEU A 78 14.38 25.80 36.55
CA LEU A 78 13.23 26.66 36.37
C LEU A 78 11.95 25.90 36.07
N ILE A 79 11.97 24.57 36.16
CA ILE A 79 10.77 23.76 35.96
C ILE A 79 10.68 22.72 37.07
N PRO A 80 10.45 23.11 38.33
CA PRO A 80 10.36 22.11 39.39
C PRO A 80 9.02 21.40 39.45
N ASP A 81 7.95 22.01 38.93
CA ASP A 81 6.63 21.39 38.94
C ASP A 81 6.19 21.05 37.53
N ILE A 82 7.07 20.41 36.76
CA ILE A 82 6.74 20.07 35.38
C ILE A 82 5.69 18.98 35.32
N ALA A 83 5.72 18.04 36.26
CA ALA A 83 4.77 16.93 36.23
C ALA A 83 3.34 17.41 36.43
N THR A 84 3.11 18.21 37.48
CA THR A 84 1.76 18.67 37.77
C THR A 84 1.25 19.62 36.68
N GLU A 85 2.10 20.55 36.24
CA GLU A 85 1.68 21.49 35.20
C GLU A 85 1.42 20.79 33.88
N LEU A 86 2.17 19.73 33.57
CA LEU A 86 1.94 19.00 32.33
C LEU A 86 0.68 18.14 32.43
N ARG A 87 0.43 17.55 33.59
CA ARG A 87 -0.75 16.70 33.74
C ARG A 87 -2.04 17.51 33.76
N ASP A 88 -2.05 18.62 34.49
CA ASP A 88 -3.27 19.42 34.63
C ASP A 88 -3.46 20.43 33.52
N ALA A 89 -2.38 20.97 32.95
CA ALA A 89 -2.45 21.96 31.88
C ALA A 89 -1.49 21.55 30.77
N PRO A 90 -1.87 20.56 29.96
CA PRO A 90 -0.97 20.08 28.90
C PRO A 90 -0.93 21.01 27.70
N GLU A 91 -2.08 21.54 27.28
CA GLU A 91 -2.14 22.36 26.08
C GLU A 91 -1.39 23.69 26.23
N LYS A 92 -1.13 24.10 27.47
CA LYS A 92 -0.36 25.31 27.73
C LYS A 92 1.13 25.02 27.89
N THR A 93 1.46 23.96 28.65
CA THR A 93 2.85 23.59 28.85
C THR A 93 3.50 23.15 27.55
N LEU A 94 2.80 22.36 26.74
CA LEU A 94 3.36 21.91 25.47
C LEU A 94 3.54 23.07 24.52
N ALA A 95 2.61 24.03 24.52
CA ALA A 95 2.76 25.21 23.67
C ALA A 95 3.98 26.03 24.09
N CYS A 96 4.15 26.24 25.40
CA CYS A 96 5.33 26.96 25.88
C CYS A 96 6.61 26.23 25.50
N MET A 97 6.61 24.90 25.63
CA MET A 97 7.81 24.11 25.31
C MET A 97 8.13 24.21 23.82
N GLY A 98 7.10 24.13 22.97
CA GLY A 98 7.33 24.25 21.54
C GLY A 98 7.84 25.62 21.14
N LEU A 99 7.26 26.69 21.72
CA LEU A 99 7.76 28.03 21.44
C LEU A 99 9.20 28.19 21.93
N ALA A 100 9.54 27.55 23.05
CA ALA A 100 10.90 27.66 23.57
C ALA A 100 11.91 26.96 22.66
N ILE A 101 11.58 25.75 22.20
CA ILE A 101 12.52 25.05 21.31
C ILE A 101 12.60 25.78 19.97
N HIS A 102 11.50 26.38 19.51
CA HIS A 102 11.54 27.17 18.29
C HIS A 102 12.45 28.39 18.47
N GLN A 103 12.37 29.04 19.64
CA GLN A 103 13.24 30.18 19.90
C GLN A 103 14.70 29.78 19.94
N VAL A 104 15.01 28.65 20.58
CA VAL A 104 16.39 28.17 20.63
C VAL A 104 16.91 27.90 19.23
N LEU A 105 16.12 27.18 18.42
CA LEU A 105 16.55 26.86 17.06
C LEU A 105 16.72 28.11 16.21
N THR A 106 15.80 29.06 16.33
CA THR A 106 15.91 30.26 15.51
C THR A 106 17.07 31.15 15.96
N LYS A 107 17.40 31.16 17.26
CA LYS A 107 18.57 31.90 17.71
C LYS A 107 19.85 31.27 17.19
N ASP A 108 19.96 29.95 17.29
CA ASP A 108 21.15 29.27 16.77
C ASP A 108 21.30 29.48 15.26
N LEU A 109 20.19 29.39 14.53
CA LEU A 109 20.24 29.55 13.08
C LEU A 109 20.51 31.00 12.68
N GLU A 110 20.02 31.98 13.46
CA GLU A 110 20.34 33.37 13.19
C GLU A 110 21.82 33.66 13.44
N ARG A 111 22.39 33.05 14.48
CA ARG A 111 23.83 33.18 14.71
C ARG A 111 24.62 32.58 13.55
N HIS A 112 24.21 31.40 13.09
CA HIS A 112 24.88 30.79 11.94
C HIS A 112 24.74 31.66 10.68
N ALA A 113 23.56 32.24 10.47
CA ALA A 113 23.35 33.09 9.29
C ALA A 113 24.16 34.37 9.38
N ALA A 114 24.32 34.92 10.59
CA ALA A 114 25.17 36.09 10.76
C ALA A 114 26.64 35.76 10.48
N GLU A 115 27.09 34.59 10.95
CA GLU A 115 28.45 34.17 10.64
C GLU A 115 28.65 33.97 9.14
N LEU A 116 27.61 33.47 8.45
CA LEU A 116 27.71 33.28 7.01
C LEU A 116 27.70 34.60 6.27
N GLN A 117 26.90 35.56 6.75
CA GLN A 117 26.82 36.86 6.08
C GLN A 117 28.09 37.67 6.28
N ALA A 118 28.70 37.57 7.46
CA ALA A 118 29.94 38.31 7.71
C ALA A 118 31.08 37.82 6.82
N GLN A 119 31.09 36.55 6.47
CA GLN A 119 32.14 35.99 5.63
C GLN A 119 31.72 35.98 4.16
N THR A 128 19.39 37.71 7.03
CA THR A 128 19.33 37.12 8.36
C THR A 128 17.92 36.61 8.67
N MET A 129 17.10 36.50 7.63
CA MET A 129 15.72 36.04 7.79
C MET A 129 15.72 34.52 7.84
N VAL A 130 15.66 33.97 9.05
CA VAL A 130 15.58 32.53 9.27
C VAL A 130 14.13 32.19 9.59
N ASN A 131 13.55 31.29 8.80
CA ASN A 131 12.14 30.92 8.93
C ASN A 131 12.09 29.47 9.45
N VAL A 132 11.99 29.33 10.76
CA VAL A 132 11.88 28.03 11.41
C VAL A 132 10.40 27.69 11.51
N PRO A 133 9.95 26.55 10.96
CA PRO A 133 8.53 26.21 11.00
C PRO A 133 8.05 25.80 12.38
N HIS A 134 6.78 25.41 12.47
CA HIS A 134 6.21 24.99 13.75
C HIS A 134 6.85 23.69 14.21
N ILE A 135 7.26 23.65 15.48
CA ILE A 135 7.90 22.48 16.08
C ILE A 135 6.96 21.93 17.14
N HIS A 136 6.51 20.70 16.95
CA HIS A 136 5.59 20.06 17.89
C HIS A 136 6.39 19.52 19.07
N ALA A 137 6.15 20.07 20.26
CA ALA A 137 6.80 19.61 21.48
C ALA A 137 6.15 18.31 21.92
N ARG A 138 6.85 17.19 21.70
CA ARG A 138 6.33 15.86 22.00
C ARG A 138 7.12 15.26 23.15
N VAL A 139 6.42 14.90 24.22
CA VAL A 139 7.02 14.29 25.40
C VAL A 139 6.61 12.83 25.44
N TYR A 140 7.59 11.94 25.55
CA TYR A 140 7.35 10.50 25.60
C TYR A 140 7.83 9.94 26.93
N ASN A 141 7.52 8.65 27.14
CA ASN A 141 7.89 7.94 28.36
C ASN A 141 7.32 8.64 29.60
N TYR A 142 6.04 8.95 29.54
CA TYR A 142 5.36 9.65 30.64
C TYR A 142 4.84 8.64 31.66
N GLU A 143 4.91 9.04 32.93
CA GLU A 143 4.46 8.22 34.05
C GLU A 143 3.73 9.12 35.04
N PRO A 144 2.80 8.55 35.83
CA PRO A 144 2.39 7.15 35.88
C PRO A 144 1.54 6.71 34.68
N LEU A 145 1.61 5.42 34.35
CA LEU A 145 0.82 4.87 33.27
C LEU A 145 -0.62 4.68 33.73
N THR A 146 -1.57 5.16 32.92
CA THR A 146 -2.98 5.10 33.24
C THR A 146 -3.66 4.06 32.36
N GLN A 147 -4.28 3.07 32.97
CA GLN A 147 -5.02 2.07 32.23
C GLN A 147 -6.36 2.64 31.74
N LEU A 148 -6.88 2.03 30.68
CA LEU A 148 -8.05 2.59 30.00
C LEU A 148 -9.32 2.41 30.82
N LYS A 149 -9.41 1.35 31.62
CA LYS A 149 -10.63 1.11 32.40
C LYS A 149 -10.84 2.15 33.49
N ASN A 150 -9.77 2.81 33.95
CA ASN A 150 -9.88 3.85 34.96
C ASN A 150 -10.02 5.24 34.37
N VAL A 151 -10.24 5.34 33.06
CA VAL A 151 -10.41 6.62 32.39
C VAL A 151 -11.89 6.98 32.42
N ARG A 152 -12.23 8.04 33.14
CA ARG A 152 -13.59 8.52 33.26
C ARG A 152 -13.73 9.84 32.53
N ALA A 153 -14.75 10.62 32.89
CA ALA A 153 -14.94 11.93 32.28
C ALA A 153 -14.02 12.97 32.87
N ASN A 154 -13.67 12.85 34.15
CA ASN A 154 -12.86 13.83 34.84
C ASN A 154 -11.42 13.92 34.33
N TYR A 155 -11.04 13.06 33.38
CA TYR A 155 -9.72 13.16 32.75
C TYR A 155 -9.69 14.16 31.61
N TYR A 156 -10.81 14.81 31.30
CA TYR A 156 -10.83 15.79 30.21
C TYR A 156 -9.91 16.96 30.54
N GLY A 157 -9.07 17.33 29.57
CA GLY A 157 -8.09 18.36 29.78
C GLY A 157 -6.85 17.92 30.52
N LYS A 158 -6.66 16.62 30.71
CA LYS A 158 -5.50 16.07 31.40
C LYS A 158 -4.60 15.34 30.42
N TYR A 159 -3.33 15.23 30.78
CA TYR A 159 -2.31 14.58 29.97
C TYR A 159 -2.00 13.23 30.59
N ILE A 160 -2.33 12.14 29.88
CA ILE A 160 -2.13 10.80 30.41
C ILE A 160 -1.49 9.92 29.34
N ALA A 161 -0.95 8.80 29.78
CA ALA A 161 -0.29 7.82 28.93
C ALA A 161 -1.00 6.49 29.04
N LEU A 162 -1.21 5.84 27.90
CA LEU A 162 -1.85 4.53 27.82
C LEU A 162 -0.95 3.59 27.04
N ARG A 163 -1.20 2.29 27.20
CA ARG A 163 -0.50 1.26 26.44
C ARG A 163 -1.50 0.21 26.02
N GLY A 164 -1.58 -0.06 24.71
CA GLY A 164 -2.59 -0.99 24.24
C GLY A 164 -2.33 -1.43 22.82
N THR A 165 -3.17 -2.36 22.37
CA THR A 165 -3.07 -2.94 21.04
C THR A 165 -3.91 -2.16 20.05
N VAL A 166 -3.34 -1.89 18.88
CA VAL A 166 -4.05 -1.18 17.82
C VAL A 166 -4.96 -2.16 17.09
N VAL A 167 -6.21 -1.75 16.84
CA VAL A 167 -7.20 -2.57 16.18
CA VAL A 167 -7.19 -2.57 16.17
C VAL A 167 -7.60 -1.98 14.83
N ARG A 168 -7.88 -0.68 14.78
CA ARG A 168 -8.27 0.00 13.55
C ARG A 168 -7.31 1.15 13.27
N VAL A 169 -6.92 1.26 12.01
CA VAL A 169 -6.08 2.37 11.53
C VAL A 169 -6.76 2.95 10.31
N SER A 170 -7.28 4.17 10.44
CA SER A 170 -7.96 4.83 9.34
C SER A 170 -6.94 5.38 8.35
N ASN A 171 -7.43 6.11 7.35
CA ASN A 171 -6.57 6.65 6.31
C ASN A 171 -6.10 8.05 6.66
N ILE A 172 -5.06 8.50 5.96
CA ILE A 172 -4.51 9.85 6.16
C ILE A 172 -5.39 10.85 5.45
N LYS A 173 -5.77 11.92 6.14
CA LYS A 173 -6.63 12.94 5.57
C LYS A 173 -6.13 14.32 5.95
N PRO A 174 -6.34 15.32 5.10
CA PRO A 174 -5.96 16.69 5.47
C PRO A 174 -6.85 17.22 6.58
N LEU A 175 -6.26 18.04 7.45
CA LEU A 175 -6.99 18.64 8.56
C LEU A 175 -6.47 20.05 8.79
N CYS A 176 -7.35 21.03 8.69
CA CYS A 176 -7.00 22.44 8.89
C CYS A 176 -7.18 22.76 10.37
N THR A 177 -6.06 22.88 11.08
CA THR A 177 -6.11 23.14 12.51
C THR A 177 -6.37 24.62 12.80
N LYS A 178 -5.64 25.51 12.14
CA LYS A 178 -5.75 26.94 12.35
C LYS A 178 -6.04 27.64 11.03
N MET A 179 -6.62 28.84 11.14
CA MET A 179 -6.92 29.66 9.99
C MET A 179 -6.47 31.10 10.27
N ALA A 180 -5.83 31.72 9.29
CA ALA A 180 -5.37 33.08 9.45
C ALA A 180 -6.48 34.07 9.14
N PHE A 181 -6.60 35.09 9.98
CA PHE A 181 -7.59 36.13 9.82
C PHE A 181 -6.93 37.50 9.95
N LEU A 182 -7.12 38.34 8.95
CA LEU A 182 -6.58 39.70 8.94
C LEU A 182 -7.67 40.67 9.38
N CYS A 183 -7.34 41.53 10.34
CA CYS A 183 -8.28 42.51 10.87
C CYS A 183 -8.24 43.77 10.03
N ALA A 184 -9.42 44.18 9.54
CA ALA A 184 -9.53 45.35 8.68
C ALA A 184 -9.40 46.67 9.43
N ALA A 185 -9.25 46.64 10.76
CA ALA A 185 -9.15 47.86 11.55
C ALA A 185 -7.70 48.26 11.77
N CYS A 186 -6.89 47.36 12.33
CA CYS A 186 -5.50 47.64 12.64
C CYS A 186 -4.51 46.89 11.77
N GLY A 187 -4.97 45.96 10.94
CA GLY A 187 -4.08 45.20 10.09
C GLY A 187 -3.39 44.02 10.74
N GLU A 188 -3.76 43.68 11.97
CA GLU A 188 -3.14 42.56 12.66
C GLU A 188 -3.69 41.24 12.13
N ILE A 189 -2.79 40.26 11.97
CA ILE A 189 -3.14 38.94 11.46
C ILE A 189 -3.04 37.96 12.61
N GLN A 190 -4.14 37.25 12.87
CA GLN A 190 -4.21 36.27 13.95
C GLN A 190 -4.37 34.87 13.37
N SER A 191 -3.96 33.87 14.15
CA SER A 191 -4.07 32.46 13.77
C SER A 191 -5.15 31.83 14.64
N PHE A 192 -6.39 31.99 14.22
CA PHE A 192 -7.51 31.49 15.00
C PHE A 192 -7.63 29.99 14.85
N PRO A 193 -7.57 29.22 15.93
CA PRO A 193 -7.69 27.76 15.79
C PRO A 193 -9.12 27.32 15.57
N LEU A 194 -9.27 26.25 14.79
CA LEU A 194 -10.60 25.71 14.59
C LEU A 194 -10.88 24.60 15.60
N PRO A 195 -12.11 24.51 16.11
CA PRO A 195 -12.42 23.48 17.12
C PRO A 195 -12.23 22.07 16.60
N ASP A 196 -13.18 21.59 15.81
CA ASP A 196 -13.09 20.29 15.15
C ASP A 196 -12.84 20.44 13.66
N GLY A 197 -12.13 21.50 13.27
CA GLY A 197 -12.00 21.86 11.87
C GLY A 197 -13.10 22.76 11.36
N LYS A 198 -13.98 23.24 12.23
CA LYS A 198 -15.10 24.07 11.82
C LYS A 198 -14.62 25.49 11.54
N TYR A 199 -14.88 25.98 10.33
CA TYR A 199 -14.50 27.35 9.94
C TYR A 199 -15.39 28.33 10.68
N SER A 200 -14.85 28.94 11.73
CA SER A 200 -15.56 29.92 12.52
C SER A 200 -14.88 31.28 12.38
N LEU A 201 -15.65 32.34 12.59
CA LEU A 201 -15.03 33.65 12.48
C LEU A 201 -14.73 34.21 13.86
N PRO A 202 -13.58 34.86 14.03
CA PRO A 202 -13.24 35.46 15.32
C PRO A 202 -14.22 36.56 15.69
N THR A 203 -14.46 36.70 16.99
CA THR A 203 -15.41 37.67 17.49
C THR A 203 -14.78 38.99 17.91
N LYS A 204 -13.46 39.03 18.07
CA LYS A 204 -12.78 40.27 18.45
C LYS A 204 -11.32 40.17 18.06
N CYS A 205 -10.72 41.34 17.82
CA CYS A 205 -9.31 41.39 17.47
C CYS A 205 -8.46 41.06 18.69
N PRO A 206 -7.40 40.27 18.53
CA PRO A 206 -6.60 39.86 19.70
C PRO A 206 -5.89 41.01 20.39
N VAL A 207 -5.72 42.16 19.72
CA VAL A 207 -5.11 43.31 20.36
C VAL A 207 -6.13 43.94 21.30
N PRO A 208 -5.71 44.39 22.49
CA PRO A 208 -6.67 45.00 23.42
C PRO A 208 -6.94 46.46 23.09
N VAL A 209 -6.95 46.80 21.81
CA VAL A 209 -7.09 48.18 21.38
C VAL A 209 -8.40 48.35 20.62
N CYS A 210 -8.46 47.80 19.41
CA CYS A 210 -9.64 47.88 18.57
C CYS A 210 -10.35 46.53 18.55
N ARG A 211 -11.68 46.59 18.58
CA ARG A 211 -12.51 45.39 18.42
C ARG A 211 -13.28 45.52 17.10
N GLY A 212 -12.55 45.37 15.99
CA GLY A 212 -13.17 45.52 14.68
C GLY A 212 -14.25 44.50 14.39
N ARG A 213 -14.08 43.27 14.87
CA ARG A 213 -15.08 42.20 14.73
C ARG A 213 -15.39 41.92 13.25
N SER A 214 -14.42 42.20 12.37
CA SER A 214 -14.58 41.96 10.94
C SER A 214 -13.22 41.53 10.41
N PHE A 215 -13.09 40.27 10.01
CA PHE A 215 -11.82 39.69 9.62
C PHE A 215 -11.94 39.02 8.26
N THR A 216 -10.84 39.05 7.51
CA THR A 216 -10.76 38.41 6.19
C THR A 216 -9.88 37.17 6.29
N ALA A 217 -10.34 36.07 5.70
CA ALA A 217 -9.61 34.81 5.76
C ALA A 217 -8.42 34.82 4.82
N LEU A 218 -7.29 34.32 5.32
CA LEU A 218 -6.04 34.22 4.56
C LEU A 218 -5.63 32.75 4.57
N ARG A 219 -6.10 32.00 3.58
CA ARG A 219 -5.85 30.56 3.54
C ARG A 219 -4.47 30.21 3.04
N SER A 220 -3.83 31.09 2.28
CA SER A 220 -2.46 30.89 1.81
C SER A 220 -1.42 31.38 2.81
N SER A 221 -1.86 31.96 3.93
CA SER A 221 -0.92 32.45 4.93
C SER A 221 -0.33 31.28 5.71
N PRO A 222 0.94 31.41 6.14
CA PRO A 222 1.55 30.32 6.93
C PRO A 222 0.89 30.11 8.28
N LEU A 223 0.14 31.09 8.79
CA LEU A 223 -0.58 30.89 10.04
C LEU A 223 -1.74 29.91 9.89
N THR A 224 -2.27 29.76 8.68
CA THR A 224 -3.30 28.75 8.42
C THR A 224 -2.65 27.38 8.42
N VAL A 225 -2.76 26.67 9.54
CA VAL A 225 -2.09 25.40 9.73
C VAL A 225 -2.95 24.27 9.19
N THR A 226 -2.38 23.47 8.29
CA THR A 226 -3.05 22.29 7.75
C THR A 226 -2.06 21.13 7.77
N MET A 227 -2.45 20.01 8.36
CA MET A 227 -1.55 18.89 8.58
C MET A 227 -2.26 17.58 8.23
N ASP A 228 -1.46 16.52 8.16
CA ASP A 228 -2.01 15.18 7.98
C ASP A 228 -2.63 14.70 9.28
N TRP A 229 -3.70 13.91 9.16
CA TRP A 229 -4.46 13.45 10.31
C TRP A 229 -4.85 12.00 10.10
N GLN A 230 -4.81 11.23 11.19
CA GLN A 230 -5.16 9.82 11.17
C GLN A 230 -5.88 9.47 12.47
N SER A 231 -6.83 8.55 12.37
CA SER A 231 -7.63 8.13 13.52
C SER A 231 -7.40 6.65 13.75
N ILE A 232 -6.76 6.31 14.87
CA ILE A 232 -6.51 4.93 15.23
C ILE A 232 -7.39 4.58 16.42
N LYS A 233 -7.56 3.27 16.64
CA LYS A 233 -8.37 2.75 17.73
C LYS A 233 -7.50 1.84 18.59
N ILE A 234 -7.57 2.03 19.90
CA ILE A 234 -6.72 1.30 20.84
C ILE A 234 -7.62 0.52 21.80
N GLN A 235 -7.33 -0.77 21.96
CA GLN A 235 -8.03 -1.63 22.90
C GLN A 235 -7.11 -1.98 24.05
N GLU A 236 -7.65 -1.99 25.26
CA GLU A 236 -6.84 -2.23 26.45
C GLU A 236 -6.29 -3.66 26.47
N LEU A 237 -5.14 -3.83 27.12
CA LEU A 237 -4.52 -5.13 27.28
C LEU A 237 -5.31 -5.89 28.35
N MET A 238 -6.22 -6.75 27.91
CA MET A 238 -7.11 -7.49 28.80
C MET A 238 -6.54 -8.86 29.10
N SER A 239 -6.54 -9.24 30.37
CA SER A 239 -6.19 -10.60 30.75
C SER A 239 -7.33 -11.53 30.33
N ASP A 240 -7.01 -12.48 29.44
CA ASP A 240 -8.04 -13.32 28.83
C ASP A 240 -8.76 -14.21 29.83
N ASP A 241 -8.24 -14.36 31.04
CA ASP A 241 -8.90 -15.20 32.04
C ASP A 241 -9.11 -14.50 33.37
N GLN A 242 -8.12 -13.74 33.85
CA GLN A 242 -8.26 -13.06 35.14
C GLN A 242 -9.33 -11.98 35.06
N ARG A 243 -9.13 -10.97 34.21
CA ARG A 243 -10.06 -9.86 34.09
C ARG A 243 -11.25 -10.17 33.20
N GLU A 244 -11.40 -11.41 32.74
CA GLU A 244 -12.56 -11.83 31.97
C GLU A 244 -13.53 -12.57 32.87
N ALA A 245 -14.14 -11.81 33.78
CA ALA A 245 -15.16 -12.30 34.70
C ALA A 245 -16.44 -11.48 34.55
N GLY A 246 -16.76 -11.11 33.31
CA GLY A 246 -17.86 -10.22 33.02
C GLY A 246 -17.44 -8.86 32.51
N ARG A 247 -16.15 -8.62 32.33
CA ARG A 247 -15.62 -7.34 31.87
C ARG A 247 -15.31 -7.41 30.39
N ILE A 248 -15.68 -6.36 29.66
CA ILE A 248 -15.44 -6.28 28.22
C ILE A 248 -14.20 -5.44 27.99
N PRO A 249 -13.39 -5.74 26.98
CA PRO A 249 -12.22 -4.89 26.69
C PRO A 249 -12.66 -3.52 26.19
N ARG A 250 -12.25 -2.48 26.92
CA ARG A 250 -12.59 -1.11 26.54
C ARG A 250 -11.69 -0.63 25.42
N THR A 251 -12.26 0.24 24.56
CA THR A 251 -11.54 0.79 23.42
C THR A 251 -11.69 2.31 23.42
N ILE A 252 -10.77 2.98 22.73
CA ILE A 252 -10.77 4.44 22.67
C ILE A 252 -10.12 4.88 21.36
N GLU A 253 -10.48 6.08 20.91
CA GLU A 253 -9.96 6.63 19.67
C GLU A 253 -8.80 7.59 19.96
N CYS A 254 -7.78 7.53 19.11
CA CYS A 254 -6.62 8.40 19.19
C CYS A 254 -6.40 9.09 17.86
N GLU A 255 -5.98 10.35 17.91
CA GLU A 255 -5.79 11.18 16.73
C GLU A 255 -4.32 11.48 16.56
N LEU A 256 -3.70 10.88 15.54
CA LEU A 256 -2.32 11.16 15.19
C LEU A 256 -2.28 12.29 14.16
N VAL A 257 -1.27 13.15 14.26
CA VAL A 257 -1.15 14.32 13.41
C VAL A 257 0.32 14.54 13.05
N HIS A 258 0.56 14.96 11.81
CA HIS A 258 1.88 15.36 11.31
C HIS A 258 2.81 14.15 11.36
N ASP A 259 3.89 14.18 12.16
CA ASP A 259 4.86 13.09 12.12
C ASP A 259 4.35 11.82 12.78
N LEU A 260 3.35 11.91 13.66
CA LEU A 260 2.80 10.72 14.29
C LEU A 260 1.94 9.90 13.35
N VAL A 261 1.63 10.42 12.15
CA VAL A 261 0.80 9.71 11.21
C VAL A 261 1.58 8.54 10.61
N ASP A 262 0.90 7.40 10.46
CA ASP A 262 1.48 6.18 9.89
C ASP A 262 2.70 5.72 10.70
N SER A 263 2.46 5.47 11.98
CA SER A 263 3.48 4.99 12.89
C SER A 263 3.15 3.64 13.51
N CYS A 264 2.02 3.04 13.14
CA CYS A 264 1.60 1.76 13.69
C CYS A 264 0.59 1.13 12.75
N VAL A 265 0.59 -0.20 12.71
CA VAL A 265 -0.36 -0.96 11.89
C VAL A 265 -1.30 -1.70 12.84
N PRO A 266 -2.49 -2.11 12.37
CA PRO A 266 -3.41 -2.84 13.25
C PRO A 266 -2.79 -4.14 13.76
N GLY A 267 -2.72 -4.26 15.08
CA GLY A 267 -2.11 -5.41 15.73
C GLY A 267 -0.90 -5.09 16.59
N ASP A 268 -0.31 -3.91 16.47
CA ASP A 268 0.88 -3.57 17.26
C ASP A 268 0.47 -3.11 18.65
N THR A 269 1.37 -3.34 19.61
CA THR A 269 1.20 -2.87 20.99
C THR A 269 2.00 -1.58 21.14
N VAL A 270 1.30 -0.45 21.24
CA VAL A 270 1.93 0.85 21.27
C VAL A 270 1.60 1.55 22.58
N THR A 271 2.50 2.45 22.98
CA THR A 271 2.31 3.32 24.13
C THR A 271 2.09 4.73 23.63
N ILE A 272 0.93 5.30 23.92
CA ILE A 272 0.53 6.60 23.40
C ILE A 272 0.31 7.55 24.58
N THR A 273 1.01 8.68 24.55
CA THR A 273 0.84 9.74 25.55
C THR A 273 0.15 10.92 24.89
N GLY A 274 -0.84 11.49 25.57
CA GLY A 274 -1.57 12.60 24.98
C GLY A 274 -2.64 13.12 25.90
N ILE A 275 -3.42 14.06 25.35
CA ILE A 275 -4.47 14.77 26.08
C ILE A 275 -5.81 14.10 25.82
N VAL A 276 -6.69 14.17 26.80
CA VAL A 276 -8.04 13.61 26.71
C VAL A 276 -8.98 14.74 26.31
N LYS A 277 -9.63 14.60 25.15
CA LYS A 277 -10.50 15.64 24.61
C LYS A 277 -11.84 15.06 24.18
N VAL A 278 -12.83 15.94 24.06
CA VAL A 278 -14.20 15.53 23.78
C VAL A 278 -14.39 15.32 22.29
N SER A 279 -14.96 14.16 21.92
CA SER A 279 -15.23 13.83 20.53
C SER A 279 -16.62 14.33 20.14
N ASN A 280 -16.70 14.97 18.97
CA ASN A 280 -17.95 15.55 18.47
C ASN A 280 -18.04 15.27 16.98
N ALA A 281 -18.76 14.21 16.60
CA ALA A 281 -19.02 13.94 15.19
C ALA A 281 -20.52 14.01 14.85
N GLU A 282 -21.41 13.23 15.47
CA GLU A 282 -21.17 12.08 16.36
C GLU A 282 -21.69 10.83 15.67
N GLU A 283 -21.13 9.67 15.99
CA GLU A 283 -21.33 8.47 15.17
C GLU A 283 -22.70 7.83 15.35
N GLY A 284 -22.82 6.58 14.93
CA GLY A 284 -24.10 5.93 14.69
C GLY A 284 -24.46 6.00 13.22
N SER A 285 -25.72 5.69 12.89
CA SER A 285 -26.79 5.19 13.76
C SER A 285 -27.86 4.66 12.80
N ARG A 286 -28.60 3.62 13.15
CA ARG A 286 -28.51 2.85 14.39
C ARG A 286 -28.64 1.39 13.88
N ASN A 287 -28.99 0.33 14.63
CA ASN A 287 -29.54 0.19 15.98
C ASN A 287 -28.92 -1.11 16.51
N LYS A 288 -29.16 -1.59 17.74
CA LYS A 288 -29.90 -0.95 18.83
C LYS A 288 -29.24 -1.26 20.17
N ASN A 289 -28.43 -0.35 20.71
CA ASN A 289 -28.02 0.88 20.02
C ASN A 289 -26.63 1.29 20.51
N ASP A 290 -25.67 1.33 19.60
CA ASP A 290 -24.32 1.76 19.94
C ASP A 290 -24.08 3.24 19.62
N LYS A 291 -25.14 3.99 19.34
CA LYS A 291 -25.01 5.43 19.15
C LYS A 291 -24.80 6.11 20.49
N CYS A 292 -23.86 7.05 20.53
CA CYS A 292 -23.53 7.77 21.76
C CYS A 292 -23.20 9.21 21.38
N MET A 293 -24.08 10.14 21.73
CA MET A 293 -23.77 11.56 21.55
C MET A 293 -22.61 11.98 22.45
N PHE A 294 -22.81 11.87 23.76
CA PHE A 294 -21.72 11.78 24.73
C PHE A 294 -20.61 10.90 24.19
N LEU A 295 -19.38 11.44 24.11
CA LEU A 295 -18.29 10.68 23.50
C LEU A 295 -16.94 11.27 23.86
N LEU A 296 -15.93 10.39 23.93
CA LEU A 296 -14.56 10.73 24.30
C LEU A 296 -13.60 10.36 23.19
N TYR A 297 -12.37 10.88 23.29
CA TYR A 297 -11.25 10.46 22.45
C TYR A 297 -9.97 11.00 23.08
N ILE A 298 -8.83 10.68 22.45
CA ILE A 298 -7.52 11.09 22.93
C ILE A 298 -6.79 11.80 21.80
N GLU A 299 -6.27 12.99 22.09
CA GLU A 299 -5.38 13.70 21.18
C GLU A 299 -3.95 13.23 21.45
N ALA A 300 -3.39 12.45 20.52
CA ALA A 300 -2.10 11.85 20.76
C ALA A 300 -0.98 12.88 20.61
N ASN A 301 -0.14 12.97 21.64
CA ASN A 301 1.06 13.81 21.60
C ASN A 301 2.31 13.04 21.21
N SER A 302 2.40 11.77 21.59
CA SER A 302 3.53 10.92 21.20
C SER A 302 3.08 9.47 21.18
N ILE A 303 3.70 8.69 20.30
CA ILE A 303 3.38 7.27 20.16
C ILE A 303 4.69 6.49 20.01
N SER A 304 4.81 5.40 20.75
CA SER A 304 5.97 4.52 20.70
C SER A 304 5.50 3.13 20.33
N ASN A 305 5.99 2.61 19.22
CA ASN A 305 5.66 1.29 18.72
C ASN A 305 6.85 0.36 18.92
N SER A 306 6.61 -0.79 19.55
CA SER A 306 7.69 -1.74 19.80
C SER A 306 8.18 -2.36 18.49
N LYS A 307 7.27 -2.92 17.70
CA LYS A 307 7.64 -3.55 16.44
C LYS A 307 7.41 -2.60 15.27
N TYR A 332 11.34 -16.43 37.96
CA TYR A 332 11.84 -17.46 38.85
C TYR A 332 10.99 -18.72 38.75
N ALA A 333 9.67 -18.55 38.87
CA ALA A 333 8.76 -19.68 38.66
C ALA A 333 8.96 -20.29 37.29
N ILE A 334 9.39 -19.48 36.31
CA ILE A 334 9.71 -20.00 34.99
C ILE A 334 10.89 -20.96 35.07
N GLN A 335 11.91 -20.62 35.86
CA GLN A 335 13.11 -21.45 35.95
C GLN A 335 12.84 -22.74 36.71
N GLU A 336 11.90 -22.73 37.66
CA GLU A 336 11.47 -23.97 38.29
C GLU A 336 10.73 -24.86 37.29
N ILE A 337 10.02 -24.25 36.35
CA ILE A 337 9.25 -25.03 35.38
C ILE A 337 10.19 -25.66 34.35
N GLN A 338 11.27 -24.97 33.98
CA GLN A 338 12.20 -25.50 33.00
C GLN A 338 12.99 -26.68 33.57
N ALA A 339 13.40 -26.60 34.83
CA ALA A 339 14.18 -27.66 35.46
C ALA A 339 13.36 -28.93 35.62
N ASN A 342 9.69 -33.82 33.44
CA ASN A 342 8.32 -33.99 32.99
C ASN A 342 7.70 -32.66 32.58
N LEU A 343 8.57 -31.72 32.18
CA LEU A 343 8.09 -30.39 31.80
C LEU A 343 7.11 -30.47 30.63
N PHE A 344 7.42 -31.29 29.62
CA PHE A 344 6.55 -31.37 28.45
C PHE A 344 5.15 -31.85 28.83
N LYS A 345 5.06 -32.97 29.57
CA LYS A 345 3.76 -33.50 29.93
C LYS A 345 3.01 -32.62 30.91
N LEU A 346 3.73 -31.86 31.75
CA LEU A 346 3.07 -30.97 32.69
C LEU A 346 2.36 -29.83 31.98
N ILE A 347 3.06 -29.16 31.06
CA ILE A 347 2.43 -28.10 30.26
C ILE A 347 1.33 -28.69 29.39
N VAL A 348 1.57 -29.89 28.86
CA VAL A 348 0.59 -30.52 27.96
C VAL A 348 -0.71 -30.80 28.70
N ASN A 349 -0.62 -31.41 29.89
CA ASN A 349 -1.81 -31.74 30.64
C ASN A 349 -2.48 -30.52 31.28
N SER A 350 -1.76 -29.41 31.41
CA SER A 350 -2.29 -28.20 32.02
C SER A 350 -2.93 -27.25 31.02
N LEU A 351 -2.91 -27.59 29.72
CA LEU A 351 -3.54 -26.73 28.72
C LEU A 351 -5.05 -26.69 28.92
N CYS A 352 -5.69 -27.85 28.89
CA CYS A 352 -7.14 -27.96 29.08
C CYS A 352 -7.40 -28.92 30.24
N PRO A 353 -7.64 -28.42 31.45
CA PRO A 353 -7.78 -29.32 32.60
C PRO A 353 -9.14 -30.01 32.68
N VAL A 354 -10.00 -29.81 31.67
CA VAL A 354 -11.34 -30.38 31.64
C VAL A 354 -11.54 -31.30 30.45
N ILE A 355 -10.48 -31.62 29.71
CA ILE A 355 -10.57 -32.52 28.56
C ILE A 355 -9.82 -33.80 28.93
N PHE A 356 -10.54 -34.91 29.00
CA PHE A 356 -9.92 -36.18 29.29
C PHE A 356 -9.32 -36.79 28.02
N GLY A 357 -8.19 -37.47 28.19
CA GLY A 357 -7.52 -38.07 27.04
C GLY A 357 -6.92 -37.02 26.13
N HIS A 358 -6.83 -37.37 24.84
CA HIS A 358 -6.26 -36.49 23.82
C HIS A 358 -4.85 -36.03 24.20
N GLU A 359 -4.05 -36.97 24.71
CA GLU A 359 -2.70 -36.62 25.15
C GLU A 359 -1.84 -36.13 23.99
N LEU A 360 -2.00 -36.76 22.82
CA LEU A 360 -1.24 -36.31 21.65
C LEU A 360 -1.78 -35.00 21.10
N VAL A 361 -3.09 -34.78 21.18
CA VAL A 361 -3.67 -33.51 20.73
C VAL A 361 -3.16 -32.36 21.58
N LYS A 362 -3.14 -32.54 22.90
CA LYS A 362 -2.58 -31.53 23.79
C LYS A 362 -1.07 -31.39 23.59
N ALA A 363 -0.41 -32.46 23.14
CA ALA A 363 1.03 -32.37 22.88
C ALA A 363 1.31 -31.47 21.68
N GLY A 364 0.53 -31.61 20.62
CA GLY A 364 0.69 -30.72 19.48
C GLY A 364 0.25 -29.30 19.75
N LEU A 365 -0.71 -29.13 20.66
CA LEU A 365 -1.16 -27.78 21.01
C LEU A 365 -0.07 -27.00 21.71
N ALA A 366 0.65 -27.63 22.64
CA ALA A 366 1.76 -26.97 23.30
C ALA A 366 2.84 -26.60 22.30
N LEU A 367 3.13 -27.49 21.35
CA LEU A 367 4.12 -27.19 20.33
C LEU A 367 3.70 -26.01 19.48
N ALA A 368 2.40 -25.91 19.16
CA ALA A 368 1.93 -24.77 18.37
C ALA A 368 1.92 -23.49 19.19
N LEU A 369 1.72 -23.59 20.50
CA LEU A 369 1.73 -22.40 21.35
C LEU A 369 3.12 -21.77 21.39
N PHE A 370 4.15 -22.56 21.65
CA PHE A 370 5.51 -22.04 21.63
C PHE A 370 5.95 -21.68 20.22
N GLY A 371 5.85 -22.64 19.30
CA GLY A 371 6.16 -22.38 17.91
C GLY A 371 7.64 -22.50 17.60
N GLY A 372 7.94 -22.70 16.32
CA GLY A 372 9.29 -22.85 15.84
C GLY A 372 10.03 -21.53 15.76
N SER A 373 11.00 -21.48 14.85
CA SER A 373 11.85 -20.30 14.68
C SER A 373 11.39 -19.52 13.46
N GLN A 374 11.05 -18.24 13.68
CA GLN A 374 10.74 -17.31 12.58
C GLN A 374 12.06 -16.88 11.96
N LYS A 375 12.63 -17.78 11.15
CA LYS A 375 14.00 -17.64 10.65
C LYS A 375 14.02 -16.69 9.45
N TYR A 376 13.79 -15.40 9.75
CA TYR A 376 13.81 -14.35 8.74
C TYR A 376 15.16 -13.65 8.79
N ALA A 377 15.96 -13.83 7.75
CA ALA A 377 17.24 -13.14 7.62
C ALA A 377 16.97 -11.72 7.17
N ASP A 378 16.91 -10.80 8.14
CA ASP A 378 16.59 -9.40 7.82
C ASP A 378 17.69 -8.75 6.99
N ASP A 379 18.93 -9.23 7.10
CA ASP A 379 20.03 -8.69 6.31
C ASP A 379 20.13 -9.33 4.92
N LYS A 380 19.40 -10.42 4.68
CA LYS A 380 19.40 -11.09 3.39
C LYS A 380 18.03 -11.14 2.74
N ASN A 381 16.98 -10.67 3.44
CA ASN A 381 15.59 -10.75 2.96
C ASN A 381 15.20 -12.19 2.65
N ARG A 382 15.83 -13.14 3.34
CA ARG A 382 15.45 -14.54 3.24
C ARG A 382 14.19 -14.76 4.06
N ILE A 383 13.10 -15.12 3.38
CA ILE A 383 11.80 -15.37 4.01
C ILE A 383 11.92 -16.45 5.07
N PRO A 384 11.26 -16.27 6.22
CA PRO A 384 11.30 -17.27 7.28
C PRO A 384 10.44 -18.51 7.01
N ILE A 385 9.87 -18.63 5.82
CA ILE A 385 8.83 -19.61 5.53
C ILE A 385 7.75 -19.51 6.60
N ARG A 386 7.70 -20.49 7.51
CA ARG A 386 6.74 -20.45 8.60
C ARG A 386 7.33 -21.14 9.82
N GLY A 387 7.10 -20.54 10.99
CA GLY A 387 7.53 -21.15 12.24
C GLY A 387 6.33 -21.42 13.13
N ASP A 388 5.12 -21.16 12.62
CA ASP A 388 3.90 -21.40 13.37
C ASP A 388 3.21 -22.63 12.84
N PRO A 389 3.22 -23.76 13.56
CA PRO A 389 2.57 -24.97 13.04
C PRO A 389 1.06 -24.90 13.16
N HIS A 390 0.40 -25.73 12.34
CA HIS A 390 -1.04 -25.82 12.30
C HIS A 390 -1.50 -27.19 12.75
N ILE A 391 -2.69 -27.24 13.34
CA ILE A 391 -3.22 -28.45 13.95
C ILE A 391 -4.61 -28.74 13.38
N LEU A 392 -4.86 -30.00 13.03
CA LEU A 392 -6.15 -30.47 12.56
C LEU A 392 -6.66 -31.55 13.50
N VAL A 393 -7.92 -31.45 13.90
CA VAL A 393 -8.54 -32.40 14.83
C VAL A 393 -9.71 -33.05 14.11
N VAL A 394 -9.52 -34.28 13.65
CA VAL A 394 -10.56 -35.07 13.01
C VAL A 394 -11.18 -35.97 14.07
N GLY A 395 -12.43 -35.73 14.40
CA GLY A 395 -13.07 -36.50 15.46
C GLY A 395 -14.57 -36.47 15.37
N ASP A 396 -15.19 -37.47 16.01
CA ASP A 396 -16.63 -37.55 16.10
C ASP A 396 -17.16 -36.50 17.08
N PRO A 397 -18.46 -36.19 17.02
CA PRO A 397 -19.04 -35.31 18.03
C PRO A 397 -19.01 -35.95 19.41
N GLY A 398 -19.02 -35.10 20.43
CA GLY A 398 -18.93 -35.56 21.79
C GLY A 398 -17.54 -35.84 22.30
N LEU A 399 -16.51 -35.52 21.51
CA LEU A 399 -15.13 -35.73 21.93
C LEU A 399 -14.53 -34.52 22.63
N GLY A 400 -15.13 -33.34 22.47
CA GLY A 400 -14.57 -32.14 23.04
C GLY A 400 -13.64 -31.38 22.12
N LYS A 401 -13.85 -31.47 20.81
CA LYS A 401 -12.98 -30.77 19.87
C LYS A 401 -13.10 -29.26 20.02
N SER A 402 -14.33 -28.78 20.26
CA SER A 402 -14.51 -27.34 20.46
C SER A 402 -13.80 -26.87 21.73
N GLN A 403 -13.81 -27.69 22.78
CA GLN A 403 -13.13 -27.31 24.02
C GLN A 403 -11.63 -27.20 23.83
N MET A 404 -11.05 -28.05 22.96
CA MET A 404 -9.63 -27.94 22.69
C MET A 404 -9.29 -26.65 21.98
N LEU A 405 -10.18 -26.21 21.07
CA LEU A 405 -9.96 -24.94 20.38
C LEU A 405 -10.13 -23.76 21.34
N GLN A 406 -11.07 -23.88 22.30
CA GLN A 406 -11.23 -22.84 23.30
C GLN A 406 -9.98 -22.72 24.16
N ALA A 407 -9.48 -23.86 24.68
CA ALA A 407 -8.25 -23.83 25.46
C ALA A 407 -7.07 -23.36 24.63
N ALA A 408 -7.10 -23.60 23.32
CA ALA A 408 -6.05 -23.09 22.45
C ALA A 408 -6.04 -21.57 22.42
N CYS A 409 -7.23 -20.96 22.41
CA CYS A 409 -7.33 -19.50 22.36
C CYS A 409 -7.25 -18.86 23.74
N ASN A 410 -7.45 -19.63 24.81
CA ASN A 410 -7.44 -19.08 26.16
C ASN A 410 -6.02 -19.01 26.74
N VAL A 411 -5.25 -20.09 26.61
CA VAL A 411 -3.89 -20.09 27.15
C VAL A 411 -2.93 -19.27 26.29
N ALA A 412 -3.29 -19.01 25.03
CA ALA A 412 -2.41 -18.22 24.17
C ALA A 412 -2.53 -16.74 24.53
N PRO A 413 -1.43 -15.98 24.43
CA PRO A 413 -1.51 -14.54 24.75
C PRO A 413 -2.35 -13.76 23.76
N ARG A 414 -2.55 -14.28 22.53
CA ARG A 414 -3.34 -13.61 21.50
C ARG A 414 -4.19 -14.67 20.81
N GLY A 415 -5.33 -14.98 21.40
CA GLY A 415 -6.22 -16.03 20.91
C GLY A 415 -7.49 -15.46 20.30
N VAL A 416 -7.93 -16.08 19.21
CA VAL A 416 -9.16 -15.69 18.51
C VAL A 416 -9.95 -16.96 18.21
N TYR A 417 -11.15 -17.06 18.78
CA TYR A 417 -12.00 -18.23 18.61
C TYR A 417 -13.14 -17.90 17.66
N VAL A 418 -13.41 -18.80 16.72
CA VAL A 418 -14.41 -18.60 15.67
C VAL A 418 -15.22 -19.87 15.51
N CYS A 419 -16.54 -19.72 15.41
CA CYS A 419 -17.43 -20.81 15.08
C CYS A 419 -17.61 -20.92 13.56
N GLY A 420 -17.96 -22.11 13.11
CA GLY A 420 -18.03 -22.42 11.69
C GLY A 420 -19.41 -22.39 11.07
N ASN A 421 -20.40 -21.83 11.75
CA ASN A 421 -21.74 -21.68 11.18
C ASN A 421 -22.02 -20.25 10.78
N THR A 422 -22.03 -19.31 11.73
CA THR A 422 -22.19 -17.90 11.42
C THR A 422 -20.85 -17.39 10.89
N THR A 423 -20.64 -17.58 9.59
CA THR A 423 -19.37 -17.26 8.95
C THR A 423 -19.55 -16.19 7.89
N THR A 424 -18.61 -15.26 7.84
CA THR A 424 -18.57 -14.22 6.82
C THR A 424 -17.15 -14.13 6.28
N THR A 425 -17.04 -13.74 5.01
CA THR A 425 -15.72 -13.57 4.41
C THR A 425 -14.94 -12.47 5.13
N SER A 426 -15.62 -11.40 5.53
CA SER A 426 -14.99 -10.35 6.32
C SER A 426 -14.72 -10.79 7.75
N GLY A 427 -15.30 -11.90 8.20
CA GLY A 427 -15.04 -12.37 9.55
C GLY A 427 -13.64 -12.92 9.74
N LEU A 428 -13.04 -13.44 8.66
CA LEU A 428 -11.69 -13.97 8.69
C LEU A 428 -10.71 -13.12 7.88
N THR A 429 -11.08 -12.73 6.67
CA THR A 429 -10.22 -11.89 5.86
C THR A 429 -10.27 -10.45 6.35
N VAL A 430 -9.44 -9.60 5.75
CA VAL A 430 -9.47 -8.18 6.06
C VAL A 430 -10.74 -7.56 5.47
N THR A 431 -11.30 -6.59 6.18
CA THR A 431 -12.57 -5.98 5.82
C THR A 431 -12.34 -4.59 5.24
N LEU A 432 -12.87 -4.36 4.03
CA LEU A 432 -12.76 -3.07 3.37
C LEU A 432 -13.98 -2.21 3.68
N SER A 433 -13.74 -0.98 4.11
CA SER A 433 -14.80 -0.03 4.42
C SER A 433 -14.43 1.32 3.81
N LYS A 434 -15.19 1.75 2.81
CA LYS A 434 -14.90 2.97 2.07
C LYS A 434 -15.98 4.02 2.34
N ASP A 435 -15.59 5.28 2.18
CA ASP A 435 -16.51 6.40 2.32
C ASP A 435 -16.78 7.02 0.96
N PHE A 441 -10.73 4.87 2.21
CA PHE A 441 -11.09 3.51 2.60
C PHE A 441 -10.20 3.00 3.73
N ALA A 442 -10.70 2.04 4.50
CA ALA A 442 -9.96 1.47 5.61
C ALA A 442 -10.04 -0.05 5.54
N LEU A 443 -8.98 -0.69 6.03
CA LEU A 443 -8.88 -2.15 6.06
C LEU A 443 -8.92 -2.61 7.51
N GLU A 444 -9.94 -3.39 7.86
CA GLU A 444 -10.17 -3.83 9.23
C GLU A 444 -9.68 -5.25 9.41
N ALA A 445 -8.89 -5.48 10.45
CA ALA A 445 -8.30 -6.78 10.68
C ALA A 445 -9.37 -7.82 11.00
N GLY A 446 -9.26 -8.98 10.34
CA GLY A 446 -10.16 -10.09 10.59
C GLY A 446 -9.54 -11.13 11.52
N ALA A 447 -10.26 -12.24 11.68
CA ALA A 447 -9.81 -13.30 12.57
C ALA A 447 -8.44 -13.84 12.18
N LEU A 448 -8.15 -13.88 10.87
CA LEU A 448 -6.84 -14.31 10.41
C LEU A 448 -5.78 -13.24 10.62
N VAL A 449 -6.18 -12.00 10.84
CA VAL A 449 -5.24 -10.90 11.08
C VAL A 449 -5.20 -10.59 12.56
N LEU A 450 -6.35 -10.73 13.23
CA LEU A 450 -6.39 -10.54 14.68
C LEU A 450 -5.56 -11.59 15.40
N GLY A 451 -5.43 -12.79 14.82
CA GLY A 451 -4.63 -13.84 15.39
C GLY A 451 -3.14 -13.75 15.09
N ASP A 452 -2.68 -12.64 14.52
CA ASP A 452 -1.27 -12.47 14.23
C ASP A 452 -0.44 -12.58 15.51
N GLN A 453 0.66 -13.35 15.43
CA GLN A 453 1.51 -13.65 16.58
C GLN A 453 0.75 -14.36 17.68
N GLY A 454 -0.20 -15.20 17.29
CA GLY A 454 -1.03 -15.92 18.25
C GLY A 454 -1.58 -17.18 17.64
N ILE A 455 -2.79 -17.55 18.08
CA ILE A 455 -3.45 -18.78 17.64
C ILE A 455 -4.92 -18.46 17.36
N CYS A 456 -5.41 -18.93 16.21
CA CYS A 456 -6.81 -18.78 15.84
C CYS A 456 -7.47 -20.15 15.77
N GLY A 457 -8.60 -20.28 16.44
CA GLY A 457 -9.34 -21.54 16.47
C GLY A 457 -10.58 -21.48 15.59
N ILE A 458 -10.74 -22.51 14.77
CA ILE A 458 -11.84 -22.62 13.82
C ILE A 458 -12.57 -23.92 14.12
N ASP A 459 -13.78 -23.81 14.68
CA ASP A 459 -14.61 -24.97 14.97
C ASP A 459 -15.62 -25.18 13.85
N GLU A 460 -15.83 -26.45 13.50
CA GLU A 460 -16.82 -26.85 12.48
C GLU A 460 -16.55 -26.14 11.15
N PHE A 461 -15.29 -26.15 10.72
CA PHE A 461 -14.96 -25.52 9.44
C PHE A 461 -15.48 -26.30 8.25
N ASP A 462 -15.97 -27.53 8.46
CA ASP A 462 -16.63 -28.26 7.38
C ASP A 462 -17.95 -27.62 6.98
N LYS A 463 -18.48 -26.71 7.81
CA LYS A 463 -19.70 -25.98 7.51
C LYS A 463 -19.44 -24.62 6.88
N MET A 464 -18.18 -24.26 6.65
CA MET A 464 -17.82 -22.99 6.08
C MET A 464 -17.59 -23.14 4.57
N GLY A 465 -18.04 -22.14 3.81
CA GLY A 465 -17.88 -22.16 2.38
C GLY A 465 -16.68 -21.35 1.91
N ASN A 466 -16.91 -20.42 0.97
CA ASN A 466 -15.84 -19.58 0.47
C ASN A 466 -15.33 -18.60 1.53
N GLN A 467 -16.05 -18.41 2.64
CA GLN A 467 -15.58 -17.60 3.75
C GLN A 467 -14.43 -18.25 4.50
N HIS A 468 -14.01 -19.45 4.08
CA HIS A 468 -12.96 -20.21 4.74
C HIS A 468 -11.74 -20.45 3.86
N GLN A 469 -11.86 -20.27 2.55
CA GLN A 469 -10.76 -20.64 1.64
C GLN A 469 -9.57 -19.69 1.74
N ALA A 470 -9.78 -18.47 2.22
CA ALA A 470 -8.65 -17.56 2.42
C ALA A 470 -7.78 -17.97 3.60
N LEU A 471 -8.30 -18.82 4.49
CA LEU A 471 -7.48 -19.34 5.58
C LEU A 471 -6.36 -20.23 5.06
N LEU A 472 -6.59 -20.92 3.93
CA LEU A 472 -5.53 -21.70 3.32
C LEU A 472 -4.38 -20.81 2.85
N GLU A 473 -4.71 -19.65 2.29
CA GLU A 473 -3.68 -18.70 1.87
C GLU A 473 -2.95 -18.11 3.08
N ALA A 474 -3.62 -18.03 4.23
CA ALA A 474 -2.99 -17.48 5.42
C ALA A 474 -2.07 -18.50 6.08
N MET A 475 -2.44 -19.78 6.06
CA MET A 475 -1.61 -20.81 6.66
C MET A 475 -0.29 -20.98 5.92
N GLU A 476 -0.25 -20.64 4.64
CA GLU A 476 0.93 -20.85 3.81
C GLU A 476 1.73 -19.58 3.57
N GLN A 477 1.07 -18.46 3.33
CA GLN A 477 1.75 -17.20 3.04
C GLN A 477 1.91 -16.31 4.27
N GLN A 478 1.25 -16.65 5.38
CA GLN A 478 1.19 -15.77 6.55
C GLN A 478 0.67 -14.39 6.18
N SER A 479 -0.21 -14.34 5.19
CA SER A 479 -0.72 -13.07 4.68
C SER A 479 -2.14 -13.28 4.15
N ILE A 480 -2.85 -12.16 4.01
CA ILE A 480 -4.22 -12.15 3.50
C ILE A 480 -4.25 -11.33 2.22
N SER A 481 -4.89 -11.86 1.18
CA SER A 481 -5.02 -11.16 -0.09
C SER A 481 -6.30 -10.34 -0.09
N LEU A 482 -6.19 -9.08 -0.51
CA LEU A 482 -7.32 -8.17 -0.59
C LEU A 482 -7.45 -7.64 -2.01
N ALA A 483 -8.66 -7.77 -2.58
CA ALA A 483 -8.92 -7.30 -3.93
C ALA A 483 -10.43 -6.99 -4.02
N LYS A 484 -10.78 -5.74 -3.72
CA LYS A 484 -12.17 -5.34 -3.70
C LYS A 484 -12.28 -3.84 -3.93
N ALA A 485 -13.22 -3.44 -4.78
CA ALA A 485 -13.49 -2.03 -5.05
C ALA A 485 -12.23 -1.30 -5.52
N GLY A 486 -11.48 -1.96 -6.40
CA GLY A 486 -10.26 -1.38 -6.95
C GLY A 486 -9.09 -1.31 -6.00
N VAL A 487 -9.23 -1.79 -4.77
CA VAL A 487 -8.16 -1.76 -3.78
C VAL A 487 -7.49 -3.13 -3.76
N VAL A 488 -6.20 -3.16 -4.04
CA VAL A 488 -5.40 -4.38 -4.05
C VAL A 488 -4.27 -4.22 -3.05
N CYS A 489 -4.15 -5.17 -2.13
CA CYS A 489 -3.13 -5.10 -1.09
C CYS A 489 -2.88 -6.49 -0.53
N SER A 490 -1.85 -6.59 0.31
CA SER A 490 -1.51 -7.81 1.02
C SER A 490 -1.26 -7.46 2.49
N LEU A 491 -2.03 -8.08 3.38
CA LEU A 491 -1.97 -7.77 4.81
C LEU A 491 -1.29 -8.91 5.56
N PRO A 492 -0.61 -8.61 6.67
CA PRO A 492 0.08 -9.66 7.43
C PRO A 492 -0.90 -10.57 8.15
N ALA A 493 -0.49 -11.84 8.31
CA ALA A 493 -1.31 -12.83 8.99
C ALA A 493 -0.45 -13.96 9.55
N ARG A 494 0.59 -13.62 10.30
CA ARG A 494 1.50 -14.61 10.88
C ARG A 494 0.81 -15.24 12.10
N THR A 495 -0.07 -16.20 11.82
CA THR A 495 -0.87 -16.84 12.85
C THR A 495 -0.73 -18.35 12.76
N SER A 496 -1.12 -19.01 13.84
CA SER A 496 -1.17 -20.47 13.92
C SER A 496 -2.63 -20.89 13.95
N ILE A 497 -3.01 -21.75 13.00
CA ILE A 497 -4.39 -22.16 12.82
C ILE A 497 -4.58 -23.56 13.40
N ILE A 498 -5.42 -23.67 14.42
CA ILE A 498 -5.85 -24.96 14.96
C ILE A 498 -7.33 -25.10 14.64
N ALA A 499 -7.71 -26.25 14.09
CA ALA A 499 -9.08 -26.43 13.60
C ALA A 499 -9.55 -27.84 13.90
N ALA A 500 -10.88 -28.01 13.86
CA ALA A 500 -11.52 -29.28 14.10
C ALA A 500 -12.75 -29.41 13.22
N ALA A 501 -13.04 -30.63 12.78
CA ALA A 501 -14.17 -30.88 11.89
C ALA A 501 -14.81 -32.21 12.24
N ASN A 502 -15.95 -32.47 11.60
CA ASN A 502 -16.72 -33.69 11.76
C ASN A 502 -16.59 -34.57 10.52
N PRO A 503 -16.62 -35.88 10.69
CA PRO A 503 -16.49 -36.79 9.53
C PRO A 503 -17.74 -36.76 8.66
N VAL A 504 -17.62 -37.41 7.50
CA VAL A 504 -18.70 -37.40 6.52
C VAL A 504 -19.91 -38.17 7.04
N GLY A 505 -19.76 -39.47 7.25
CA GLY A 505 -20.88 -40.31 7.65
C GLY A 505 -20.89 -40.66 9.12
N GLY A 506 -20.66 -39.67 9.98
CA GLY A 506 -20.67 -39.94 11.41
C GLY A 506 -19.51 -40.82 11.83
N HIS A 507 -19.79 -41.74 12.76
CA HIS A 507 -18.79 -42.67 13.26
C HIS A 507 -18.10 -43.39 12.12
N TYR A 508 -16.78 -43.24 12.02
CA TYR A 508 -16.01 -43.67 10.86
C TYR A 508 -14.93 -44.69 11.24
N ASN A 509 -15.23 -45.55 12.21
CA ASN A 509 -14.32 -46.64 12.57
C ASN A 509 -14.48 -47.79 11.57
N LYS A 510 -14.22 -47.47 10.30
CA LYS A 510 -14.43 -48.39 9.20
C LYS A 510 -13.15 -48.62 8.41
N ALA A 511 -13.28 -48.99 7.14
CA ALA A 511 -12.13 -49.30 6.29
C ALA A 511 -11.64 -48.10 5.49
N LYS A 512 -12.24 -46.93 5.65
CA LYS A 512 -11.81 -45.75 4.93
C LYS A 512 -10.72 -45.01 5.71
N THR A 513 -10.04 -44.13 5.00
CA THR A 513 -8.91 -43.39 5.55
C THR A 513 -9.35 -41.98 5.97
N VAL A 514 -8.39 -41.08 6.18
CA VAL A 514 -8.69 -39.75 6.67
C VAL A 514 -9.18 -38.85 5.54
N SER A 515 -8.52 -38.89 4.38
CA SER A 515 -8.92 -38.07 3.25
C SER A 515 -10.28 -38.47 2.67
N GLU A 516 -10.82 -39.62 3.09
CA GLU A 516 -12.13 -40.08 2.63
C GLU A 516 -13.23 -39.92 3.67
N ASN A 517 -12.91 -40.09 4.95
CA ASN A 517 -13.92 -39.97 6.00
C ASN A 517 -14.15 -38.52 6.42
N LEU A 518 -13.15 -37.66 6.23
CA LEU A 518 -13.24 -36.28 6.69
C LEU A 518 -13.89 -35.41 5.62
N LYS A 519 -14.79 -34.52 6.07
CA LYS A 519 -15.44 -33.56 5.19
C LYS A 519 -14.47 -32.47 4.76
N MET A 520 -13.41 -32.85 4.05
CA MET A 520 -12.39 -31.89 3.65
C MET A 520 -11.58 -32.46 2.51
N GLY A 521 -11.17 -31.60 1.58
CA GLY A 521 -10.33 -32.00 0.47
C GLY A 521 -8.85 -31.96 0.82
N SER A 522 -8.04 -32.38 -0.15
CA SER A 522 -6.60 -32.42 0.05
C SER A 522 -5.95 -31.04 -0.05
N ALA A 523 -6.68 -30.02 -0.51
CA ALA A 523 -6.10 -28.69 -0.59
C ALA A 523 -5.79 -28.12 0.78
N LEU A 524 -6.50 -28.57 1.82
CA LEU A 524 -6.24 -28.15 3.19
C LEU A 524 -5.59 -29.21 4.05
N LEU A 525 -5.74 -30.50 3.71
CA LEU A 525 -5.10 -31.56 4.47
C LEU A 525 -3.58 -31.52 4.34
N SER A 526 -3.08 -31.10 3.18
CA SER A 526 -1.64 -31.02 2.96
C SER A 526 -1.00 -29.81 3.63
N ARG A 527 -1.79 -28.91 4.20
CA ARG A 527 -1.27 -27.70 4.82
C ARG A 527 -1.11 -27.81 6.33
N PHE A 528 -1.60 -28.87 6.95
CA PHE A 528 -1.51 -29.04 8.39
C PHE A 528 -0.24 -29.77 8.77
N ASP A 529 0.41 -29.30 9.83
CA ASP A 529 1.61 -29.95 10.34
C ASP A 529 1.28 -31.15 11.22
N LEU A 530 0.11 -31.13 11.87
CA LEU A 530 -0.31 -32.22 12.74
C LEU A 530 -1.78 -32.51 12.51
N VAL A 531 -2.11 -33.79 12.29
CA VAL A 531 -3.49 -34.23 12.11
C VAL A 531 -3.75 -35.34 13.11
N PHE A 532 -4.71 -35.11 14.01
CA PHE A 532 -5.04 -36.07 15.05
C PHE A 532 -6.40 -36.69 14.76
N ILE A 533 -6.47 -38.01 14.78
CA ILE A 533 -7.68 -38.76 14.45
C ILE A 533 -8.27 -39.29 15.74
N LEU A 534 -9.49 -38.85 16.05
CA LEU A 534 -10.19 -39.25 17.27
C LEU A 534 -11.48 -39.95 16.91
N LEU A 535 -11.76 -41.06 17.59
CA LEU A 535 -12.97 -41.83 17.33
C LEU A 535 -13.62 -42.29 18.65
N HIS A 604 -3.00 -22.07 34.80
CA HIS A 604 -3.37 -21.45 33.54
C HIS A 604 -2.54 -20.20 33.27
N GLN A 605 -2.52 -19.29 34.25
CA GLN A 605 -1.77 -18.05 34.07
C GLN A 605 -0.27 -18.27 34.19
N LEU A 606 0.16 -19.30 34.91
CA LEU A 606 1.59 -19.56 35.05
C LEU A 606 2.16 -20.14 33.76
N LEU A 607 1.47 -21.10 33.15
CA LEU A 607 1.90 -21.60 31.85
C LEU A 607 1.73 -20.53 30.76
N ARG A 608 0.79 -19.61 30.96
CA ARG A 608 0.63 -18.50 30.02
C ARG A 608 1.85 -17.59 30.05
N LYS A 609 2.37 -17.28 31.25
CA LYS A 609 3.60 -16.51 31.34
C LYS A 609 4.79 -17.30 30.82
N TYR A 610 4.79 -18.62 31.01
CA TYR A 610 5.91 -19.44 30.53
C TYR A 610 5.94 -19.47 29.01
N ILE A 611 4.77 -19.58 28.36
CA ILE A 611 4.73 -19.57 26.91
C ILE A 611 5.11 -18.21 26.37
N GLY A 612 4.60 -17.14 26.99
CA GLY A 612 4.93 -15.80 26.54
C GLY A 612 6.39 -15.46 26.71
N TYR A 613 7.00 -15.93 27.80
CA TYR A 613 8.43 -15.69 28.01
C TYR A 613 9.28 -16.47 27.02
N ALA A 614 8.85 -17.69 26.68
CA ALA A 614 9.63 -18.50 25.74
C ALA A 614 9.55 -17.94 24.33
N ARG A 615 8.39 -17.39 23.95
CA ARG A 615 8.26 -16.79 22.62
C ARG A 615 9.08 -15.53 22.46
N GLN A 616 9.46 -14.89 23.57
CA GLN A 616 10.21 -13.63 23.54
C GLN A 616 11.69 -13.81 23.84
N TYR A 617 12.07 -14.85 24.59
CA TYR A 617 13.44 -15.00 25.07
C TYR A 617 14.24 -16.03 24.28
N VAL A 618 13.67 -17.21 24.02
CA VAL A 618 14.39 -18.31 23.38
C VAL A 618 14.05 -18.35 21.90
N TYR A 619 15.08 -18.37 21.06
CA TYR A 619 14.94 -18.57 19.62
C TYR A 619 15.66 -19.86 19.26
N PRO A 620 14.95 -20.92 18.91
CA PRO A 620 15.58 -22.25 18.83
C PRO A 620 16.37 -22.46 17.55
N ARG A 621 17.16 -23.54 17.56
CA ARG A 621 17.92 -23.98 16.41
C ARG A 621 17.83 -25.50 16.32
N LEU A 622 18.25 -26.04 15.18
CA LEU A 622 18.24 -27.47 14.93
C LEU A 622 19.68 -27.98 14.88
N SER A 623 19.98 -29.02 15.67
CA SER A 623 21.33 -29.53 15.80
C SER A 623 21.56 -30.64 14.79
N THR A 624 22.72 -31.31 14.89
CA THR A 624 23.03 -32.39 13.97
C THR A 624 22.44 -33.72 14.45
N GLU A 625 22.45 -33.95 15.76
CA GLU A 625 21.90 -35.19 16.29
C GLU A 625 20.40 -35.32 16.00
N ALA A 626 19.67 -34.22 16.14
CA ALA A 626 18.24 -34.23 15.82
C ALA A 626 18.01 -34.49 14.33
N ALA A 627 18.91 -34.02 13.48
CA ALA A 627 18.77 -34.26 12.04
C ALA A 627 19.04 -35.71 11.68
N ARG A 628 20.03 -36.33 12.34
CA ARG A 628 20.36 -37.72 12.05
C ARG A 628 19.19 -38.64 12.37
N VAL A 629 18.45 -38.33 13.44
CA VAL A 629 17.25 -39.11 13.76
C VAL A 629 16.19 -38.91 12.68
N LEU A 630 16.05 -37.68 12.20
CA LEU A 630 15.08 -37.40 11.13
C LEU A 630 15.53 -38.00 9.80
N GLN A 631 16.84 -38.05 9.56
CA GLN A 631 17.34 -38.66 8.33
C GLN A 631 17.06 -40.16 8.30
N ASP A 632 17.26 -40.84 9.44
CA ASP A 632 17.03 -42.27 9.49
C ASP A 632 15.55 -42.61 9.34
N PHE A 633 14.68 -41.86 10.00
CA PHE A 633 13.25 -42.13 9.90
C PHE A 633 12.72 -41.82 8.49
N TYR A 634 13.24 -40.75 7.87
CA TYR A 634 12.78 -40.40 6.54
C TYR A 634 13.26 -41.41 5.51
N LEU A 635 14.50 -41.91 5.66
CA LEU A 635 15.01 -42.90 4.72
C LEU A 635 14.29 -44.24 4.87
N GLU A 636 13.96 -44.62 6.11
CA GLU A 636 13.20 -45.85 6.32
C GLU A 636 11.77 -45.71 5.84
N LEU A 637 11.22 -44.48 5.90
CA LEU A 637 9.88 -44.26 5.34
C LEU A 637 9.91 -44.28 3.82
N ARG A 638 11.02 -43.87 3.21
CA ARG A 638 11.11 -43.88 1.75
C ARG A 638 11.25 -45.30 1.21
N LYS A 639 11.93 -46.19 1.94
CA LYS A 639 12.12 -47.55 1.47
C LYS A 639 10.82 -48.34 1.41
N GLN A 640 9.74 -47.85 2.02
CA GLN A 640 8.45 -48.50 1.95
C GLN A 640 7.81 -48.40 0.57
N SER A 641 8.32 -47.54 -0.30
CA SER A 641 7.77 -47.37 -1.64
C SER A 641 7.99 -48.61 -2.49
N THR A 650 4.19 -35.91 1.27
CA THR A 650 4.53 -34.56 0.82
C THR A 650 5.81 -34.06 1.50
N THR A 651 6.42 -33.04 0.90
CA THR A 651 7.64 -32.48 1.48
C THR A 651 7.35 -31.70 2.76
N ARG A 652 6.13 -31.14 2.88
CA ARG A 652 5.78 -30.38 4.06
C ARG A 652 5.78 -31.21 5.34
N GLN A 653 5.75 -32.54 5.22
CA GLN A 653 5.85 -33.40 6.40
C GLN A 653 7.18 -33.18 7.10
N LEU A 654 8.28 -33.15 6.34
CA LEU A 654 9.59 -32.90 6.95
C LEU A 654 9.67 -31.49 7.53
N GLU A 655 9.02 -30.52 6.88
CA GLU A 655 8.96 -29.17 7.44
C GLU A 655 8.26 -29.16 8.78
N SER A 656 7.27 -30.04 8.97
CA SER A 656 6.60 -30.15 10.27
C SER A 656 7.53 -30.75 11.31
N LEU A 657 8.36 -31.72 10.92
CA LEU A 657 9.30 -32.31 11.86
C LEU A 657 10.27 -31.29 12.42
N ILE A 658 10.72 -30.36 11.58
CA ILE A 658 11.64 -29.32 12.04
C ILE A 658 10.89 -28.24 12.82
N ARG A 659 9.72 -27.83 12.33
CA ARG A 659 8.97 -26.77 13.01
C ARG A 659 8.52 -27.20 14.40
N LEU A 660 8.18 -28.47 14.57
CA LEU A 660 7.78 -28.96 15.89
C LEU A 660 8.99 -29.23 16.78
N THR A 661 10.10 -29.68 16.20
CA THR A 661 11.30 -29.88 16.99
C THR A 661 11.84 -28.56 17.51
N GLU A 662 11.86 -27.52 16.67
CA GLU A 662 12.23 -26.19 17.14
C GLU A 662 11.26 -25.69 18.19
N ALA A 663 9.97 -26.02 18.03
CA ALA A 663 8.98 -25.64 19.03
C ALA A 663 9.24 -26.35 20.35
N ARG A 664 9.74 -27.59 20.29
CA ARG A 664 10.08 -28.31 21.53
C ARG A 664 11.28 -27.66 22.22
N ALA A 665 12.23 -27.15 21.43
CA ALA A 665 13.40 -26.48 22.03
C ALA A 665 12.99 -25.18 22.71
N ARG A 666 12.04 -24.45 22.11
CA ARG A 666 11.51 -23.25 22.76
C ARG A 666 10.70 -23.62 24.00
N LEU A 667 10.07 -24.80 23.99
CA LEU A 667 9.32 -25.25 25.16
C LEU A 667 10.26 -25.54 26.33
N GLU A 668 11.39 -26.20 26.06
CA GLU A 668 12.38 -26.51 27.07
C GLU A 668 13.30 -25.33 27.38
N LEU A 669 13.04 -24.16 26.78
CA LEU A 669 13.89 -22.98 26.95
C LEU A 669 15.33 -23.27 26.55
N ARG A 670 15.51 -24.05 25.49
CA ARG A 670 16.83 -24.42 24.99
C ARG A 670 17.03 -23.79 23.62
N GLU A 671 18.22 -23.21 23.42
CA GLU A 671 18.54 -22.60 22.13
C GLU A 671 18.82 -23.61 21.05
N GLU A 672 19.04 -24.88 21.41
CA GLU A 672 19.39 -25.92 20.45
C GLU A 672 18.66 -27.20 20.82
N ALA A 673 17.93 -27.76 19.86
CA ALA A 673 17.20 -28.99 20.07
C ALA A 673 18.09 -30.19 19.80
N THR A 674 18.04 -31.18 20.69
CA THR A 674 18.89 -32.35 20.62
C THR A 674 18.11 -33.54 20.05
N LYS A 675 18.70 -34.73 20.13
CA LYS A 675 18.05 -35.92 19.59
C LYS A 675 16.85 -36.35 20.44
N GLU A 676 16.85 -36.01 21.72
CA GLU A 676 15.72 -36.36 22.57
C GLU A 676 14.46 -35.61 22.15
N ASP A 677 14.60 -34.33 21.80
CA ASP A 677 13.45 -33.57 21.33
C ASP A 677 12.97 -34.07 19.98
N ALA A 678 13.90 -34.46 19.11
CA ALA A 678 13.53 -34.96 17.78
C ALA A 678 12.77 -36.28 17.88
N GLU A 679 13.25 -37.19 18.74
CA GLU A 679 12.57 -38.47 18.90
C GLU A 679 11.15 -38.28 19.42
N ASP A 680 10.96 -37.34 20.34
CA ASP A 680 9.61 -37.04 20.83
C ASP A 680 8.74 -36.47 19.73
N ILE A 681 9.30 -35.60 18.89
CA ILE A 681 8.54 -35.05 17.78
C ILE A 681 8.23 -36.13 16.75
N VAL A 682 9.18 -37.04 16.52
CA VAL A 682 8.95 -38.13 15.58
C VAL A 682 7.82 -39.03 16.08
N GLU A 683 7.81 -39.35 17.38
CA GLU A 683 6.76 -40.19 17.93
C GLU A 683 5.40 -39.51 17.84
N ILE A 684 5.35 -38.19 18.01
CA ILE A 684 4.10 -37.47 17.84
C ILE A 684 3.66 -37.54 16.38
N MET A 685 4.60 -37.37 15.45
CA MET A 685 4.27 -37.51 14.04
C MET A 685 3.92 -38.95 13.69
N LYS A 686 4.51 -39.92 14.39
CA LYS A 686 4.13 -41.31 14.17
C LYS A 686 2.68 -41.57 14.55
N TYR A 687 2.22 -40.95 15.64
CA TYR A 687 0.81 -41.08 16.02
C TYR A 687 -0.09 -40.42 14.98
N SER A 688 0.34 -39.29 14.41
CA SER A 688 -0.44 -38.64 13.38
C SER A 688 -0.49 -39.48 12.11
N MET A 689 0.63 -40.10 11.74
CA MET A 689 0.66 -40.99 10.59
C MET A 689 0.07 -42.36 10.88
N LEU A 690 -0.14 -42.71 12.15
CA LEU A 690 -0.78 -43.97 12.48
C LEU A 690 -2.29 -43.88 12.34
N GLY A 691 -2.89 -42.79 12.82
CA GLY A 691 -4.31 -42.58 12.58
C GLY A 691 -4.64 -42.42 11.10
N THR A 692 -3.69 -41.90 10.33
CA THR A 692 -3.79 -41.83 8.89
C THR A 692 -3.26 -43.14 8.28
N TYR A 693 -3.45 -43.28 6.97
CA TYR A 693 -2.92 -44.42 6.21
C TYR A 693 -3.44 -45.75 6.73
N SER A 694 -4.65 -45.75 7.29
CA SER A 694 -5.24 -46.97 7.83
C SER A 694 -5.78 -47.86 6.72
N MET B 1 3.73 38.32 -7.51
CA MET B 1 4.73 38.92 -8.40
C MET B 1 4.55 40.42 -8.51
N ASN B 2 5.65 41.15 -8.36
CA ASN B 2 5.64 42.60 -8.53
C ASN B 2 5.76 42.92 -10.02
N SER B 3 5.93 44.21 -10.34
CA SER B 3 5.96 44.61 -11.75
C SER B 3 7.22 44.13 -12.45
N ASP B 4 8.35 44.11 -11.74
CA ASP B 4 9.60 43.68 -12.35
C ASP B 4 9.54 42.21 -12.75
N GLN B 5 9.00 41.36 -11.86
CA GLN B 5 8.92 39.94 -12.15
C GLN B 5 8.00 39.66 -13.32
N VAL B 6 6.81 40.27 -13.32
CA VAL B 6 5.86 40.08 -14.41
C VAL B 6 6.46 40.58 -15.73
N THR B 7 7.15 41.72 -15.69
CA THR B 7 7.74 42.28 -16.89
C THR B 7 8.79 41.34 -17.46
N LEU B 8 9.69 40.83 -16.62
CA LEU B 8 10.73 39.93 -17.11
C LEU B 8 10.13 38.64 -17.66
N VAL B 9 9.14 38.08 -16.96
CA VAL B 9 8.48 36.86 -17.44
C VAL B 9 7.87 37.08 -18.81
N GLY B 10 7.10 38.17 -18.94
CA GLY B 10 6.46 38.46 -20.20
C GLY B 10 7.45 38.68 -21.33
N GLN B 11 8.54 39.39 -21.05
CA GLN B 11 9.54 39.66 -22.09
C GLN B 11 10.23 38.37 -22.53
N VAL B 12 10.62 37.53 -21.57
CA VAL B 12 11.29 36.28 -21.93
C VAL B 12 10.37 35.40 -22.76
N PHE B 13 9.12 35.25 -22.32
CA PHE B 13 8.19 34.40 -23.06
C PHE B 13 7.88 34.97 -24.44
N GLU B 14 7.75 36.30 -24.53
CA GLU B 14 7.47 36.93 -25.81
C GLU B 14 8.62 36.72 -26.79
N SER B 15 9.85 36.86 -26.31
CA SER B 15 11.00 36.59 -27.17
C SER B 15 11.04 35.13 -27.59
N TYR B 16 10.75 34.22 -26.65
CA TYR B 16 10.80 32.80 -26.98
C TYR B 16 9.77 32.42 -28.04
N VAL B 17 8.57 33.01 -27.96
CA VAL B 17 7.54 32.66 -28.94
C VAL B 17 7.69 33.46 -30.23
N SER B 18 8.36 34.61 -30.21
CA SER B 18 8.70 35.30 -31.44
C SER B 18 9.83 34.63 -32.19
N GLU B 19 10.68 33.88 -31.48
CA GLU B 19 11.75 33.14 -32.15
C GLU B 19 11.31 31.74 -32.57
N TYR B 20 10.72 30.98 -31.65
CA TYR B 20 10.29 29.61 -31.90
C TYR B 20 8.79 29.49 -31.66
N HIS B 21 8.29 28.25 -31.68
CA HIS B 21 6.88 27.95 -31.43
C HIS B 21 5.98 28.72 -32.38
N LYS B 22 6.32 28.69 -33.67
CA LYS B 22 5.54 29.36 -34.70
C LYS B 22 4.57 28.44 -35.42
N ASN B 23 4.98 27.22 -35.74
CA ASN B 23 4.12 26.30 -36.49
C ASN B 23 2.94 25.84 -35.65
N ASP B 24 3.12 25.71 -34.33
CA ASP B 24 2.00 25.32 -33.48
C ASP B 24 0.91 26.40 -33.50
N ILE B 25 1.30 27.66 -33.33
CA ILE B 25 0.34 28.76 -33.38
C ILE B 25 -0.26 28.88 -34.78
N LEU B 26 0.53 28.61 -35.82
CA LEU B 26 0.00 28.64 -37.18
C LEU B 26 -1.08 27.58 -37.37
N LEU B 27 -0.83 26.36 -36.88
CA LEU B 27 -1.84 25.30 -36.98
C LEU B 27 -3.07 25.63 -36.13
N ILE B 28 -2.88 26.29 -34.98
CA ILE B 28 -4.02 26.70 -34.18
C ILE B 28 -4.86 27.74 -34.93
N LEU B 29 -4.20 28.71 -35.56
CA LEU B 29 -4.93 29.71 -36.34
C LEU B 29 -5.59 29.11 -37.56
N LYS B 30 -5.02 28.04 -38.11
CA LYS B 30 -5.58 27.41 -39.31
C LYS B 30 -6.83 26.60 -39.03
N GLU B 31 -7.12 26.30 -37.77
CA GLU B 31 -8.34 25.57 -37.44
C GLU B 31 -9.58 26.42 -37.76
N ARG B 32 -10.71 25.73 -37.97
CA ARG B 32 -11.96 26.36 -38.35
C ARG B 32 -12.74 26.90 -37.16
N ASP B 33 -12.87 26.13 -36.09
CA ASP B 33 -13.63 26.57 -34.92
C ASP B 33 -12.88 27.68 -34.20
N GLU B 34 -13.54 28.84 -34.05
CA GLU B 34 -12.92 29.98 -33.39
C GLU B 34 -13.19 30.02 -31.89
N ASP B 35 -14.27 29.37 -31.43
CA ASP B 35 -14.63 29.36 -30.02
C ASP B 35 -14.09 28.15 -29.28
N ALA B 36 -12.99 27.57 -29.74
CA ALA B 36 -12.43 26.36 -29.15
C ALA B 36 -11.19 26.68 -28.32
N HIS B 37 -10.98 25.89 -27.28
CA HIS B 37 -9.79 26.02 -26.44
C HIS B 37 -8.65 25.24 -27.07
N TYR B 38 -7.57 25.96 -27.41
CA TYR B 38 -6.43 25.34 -28.07
C TYR B 38 -5.21 25.34 -27.15
N PRO B 39 -4.59 24.19 -26.92
CA PRO B 39 -3.42 24.13 -26.05
C PRO B 39 -2.12 24.40 -26.81
N VAL B 40 -1.13 24.85 -26.05
CA VAL B 40 0.22 25.07 -26.56
C VAL B 40 1.18 24.39 -25.59
N VAL B 41 1.63 23.19 -25.95
CA VAL B 41 2.54 22.43 -25.08
C VAL B 41 3.93 23.05 -25.16
N VAL B 42 4.53 23.29 -24.00
CA VAL B 42 5.84 23.93 -23.91
C VAL B 42 6.69 23.15 -22.93
N ASN B 43 7.94 22.88 -23.31
CA ASN B 43 8.87 22.20 -22.43
C ASN B 43 9.34 23.17 -21.35
N ALA B 44 9.12 22.82 -20.08
CA ALA B 44 9.46 23.72 -18.99
C ALA B 44 10.97 23.79 -18.77
N MET B 45 11.69 22.70 -19.02
CA MET B 45 13.13 22.69 -18.78
C MET B 45 13.85 23.65 -19.73
N THR B 46 13.58 23.53 -21.03
CA THR B 46 14.22 24.41 -22.00
C THR B 46 13.80 25.85 -21.83
N LEU B 47 12.58 26.09 -21.32
CA LEU B 47 12.15 27.47 -21.08
C LEU B 47 12.86 28.06 -19.87
N PHE B 48 13.00 27.28 -18.79
CA PHE B 48 13.71 27.76 -17.62
C PHE B 48 15.21 27.85 -17.84
N GLU B 49 15.73 27.16 -18.86
CA GLU B 49 17.15 27.29 -19.19
C GLU B 49 17.45 28.60 -19.91
N THR B 50 16.44 29.28 -20.46
CA THR B 50 16.68 30.53 -21.16
C THR B 50 16.75 31.73 -20.22
N ASN B 51 16.11 31.65 -19.06
CA ASN B 51 16.12 32.74 -18.10
C ASN B 51 16.04 32.18 -16.70
N MET B 52 16.65 32.88 -15.75
CA MET B 52 16.75 32.35 -14.41
C MET B 52 15.53 32.68 -13.56
N GLU B 53 14.99 33.90 -13.71
CA GLU B 53 13.90 34.36 -12.86
C GLU B 53 12.55 33.77 -13.24
N ILE B 54 12.37 33.35 -14.49
CA ILE B 54 11.08 32.80 -14.93
C ILE B 54 10.73 31.55 -14.14
N GLY B 55 11.72 30.68 -13.91
CA GLY B 55 11.46 29.47 -13.14
C GLY B 55 11.10 29.77 -11.69
N GLU B 56 11.81 30.72 -11.09
CA GLU B 56 11.48 31.12 -9.71
C GLU B 56 10.06 31.65 -9.62
N TYR B 57 9.67 32.52 -10.56
CA TYR B 57 8.34 33.12 -10.49
C TYR B 57 7.26 32.11 -10.85
N PHE B 58 7.58 31.10 -11.66
CA PHE B 58 6.62 30.04 -11.94
C PHE B 58 6.43 29.14 -10.72
N ASN B 59 7.52 28.77 -10.06
CA ASN B 59 7.42 27.95 -8.85
C ASN B 59 6.86 28.72 -7.67
N MET B 60 6.86 30.06 -7.73
CA MET B 60 6.35 30.86 -6.63
C MET B 60 4.87 31.21 -6.80
N PHE B 61 4.46 31.58 -8.02
CA PHE B 61 3.06 31.91 -8.31
C PHE B 61 2.67 31.26 -9.63
N PRO B 62 2.23 30.00 -9.59
CA PRO B 62 1.98 29.29 -10.86
C PRO B 62 0.77 29.80 -11.62
N SER B 63 -0.32 30.13 -10.92
CA SER B 63 -1.56 30.49 -11.60
C SER B 63 -1.40 31.79 -12.38
N GLU B 64 -0.85 32.83 -11.74
CA GLU B 64 -0.65 34.10 -12.43
C GLU B 64 0.36 33.98 -13.55
N VAL B 65 1.39 33.14 -13.38
CA VAL B 65 2.34 32.92 -14.46
C VAL B 65 1.67 32.26 -15.66
N LEU B 66 0.77 31.30 -15.40
CA LEU B 66 0.04 30.68 -16.49
C LEU B 66 -0.90 31.66 -17.18
N THR B 67 -1.50 32.57 -16.40
CA THR B 67 -2.35 33.60 -16.99
C THR B 67 -1.54 34.53 -17.90
N ILE B 68 -0.37 34.96 -17.43
CA ILE B 68 0.51 35.80 -18.25
C ILE B 68 0.95 35.04 -19.49
N PHE B 69 1.20 33.74 -19.35
CA PHE B 69 1.56 32.91 -20.51
C PHE B 69 0.43 32.88 -21.53
N ASP B 70 -0.81 32.76 -21.07
CA ASP B 70 -1.95 32.77 -21.99
C ASP B 70 -2.07 34.11 -22.70
N SER B 71 -1.87 35.21 -21.96
CA SER B 71 -1.94 36.53 -22.58
C SER B 71 -0.87 36.69 -23.65
N ALA B 72 0.36 36.28 -23.34
CA ALA B 72 1.43 36.37 -24.32
C ALA B 72 1.21 35.43 -25.50
N LEU B 73 0.56 34.28 -25.27
CA LEU B 73 0.20 33.40 -26.37
C LEU B 73 -0.80 34.07 -27.30
N ARG B 74 -1.79 34.76 -26.73
CA ARG B 74 -2.73 35.50 -27.57
C ARG B 74 -2.01 36.57 -28.37
N ARG B 75 -1.11 37.32 -27.72
CA ARG B 75 -0.36 38.35 -28.43
C ARG B 75 0.47 37.76 -29.57
N SER B 76 1.14 36.64 -29.32
CA SER B 76 1.98 36.02 -30.34
C SER B 76 1.14 35.44 -31.47
N ALA B 77 -0.04 34.89 -31.15
CA ALA B 77 -0.92 34.41 -32.20
C ALA B 77 -1.40 35.55 -33.09
N LEU B 78 -1.74 36.69 -32.48
CA LEU B 78 -2.11 37.85 -33.28
C LEU B 78 -0.95 38.32 -34.14
N THR B 79 0.27 38.32 -33.58
CA THR B 79 1.44 38.73 -34.35
C THR B 79 1.69 37.83 -35.54
N ILE B 80 1.59 36.51 -35.34
CA ILE B 80 1.80 35.58 -36.44
C ILE B 80 0.68 35.69 -37.46
N LEU B 81 -0.55 35.96 -37.02
CA LEU B 81 -1.65 36.16 -37.95
C LEU B 81 -1.43 37.41 -38.80
N GLN B 82 -0.89 38.47 -38.21
CA GLN B 82 -0.65 39.69 -38.97
C GLN B 82 0.55 39.59 -39.90
N SER B 83 1.40 38.57 -39.72
CA SER B 83 2.57 38.39 -40.58
C SER B 83 2.26 37.61 -41.84
N LEU B 84 1.06 37.07 -41.99
CA LEU B 84 0.71 36.30 -43.17
C LEU B 84 0.30 37.21 -44.31
N SER B 85 0.56 36.76 -45.54
CA SER B 85 0.17 37.54 -46.71
C SER B 85 -1.34 37.61 -46.86
N GLN B 86 -2.05 36.54 -46.49
CA GLN B 86 -3.52 36.48 -46.52
C GLN B 86 -4.01 36.20 -45.12
N PRO B 87 -4.14 37.23 -44.28
CA PRO B 87 -4.65 37.00 -42.91
C PRO B 87 -6.07 36.48 -42.87
N GLU B 88 -6.86 36.70 -43.93
CA GLU B 88 -8.23 36.21 -43.96
C GLU B 88 -8.32 34.70 -44.19
N ALA B 89 -7.23 34.05 -44.59
CA ALA B 89 -7.25 32.60 -44.77
C ALA B 89 -7.33 31.86 -43.45
N VAL B 90 -6.90 32.47 -42.35
CA VAL B 90 -6.98 31.86 -41.03
C VAL B 90 -7.91 32.68 -40.16
N SER B 91 -8.03 32.30 -38.89
CA SER B 91 -8.88 33.01 -37.95
C SER B 91 -8.20 33.06 -36.59
N MET B 92 -8.34 34.20 -35.92
CA MET B 92 -7.71 34.38 -34.61
C MET B 92 -8.41 33.55 -33.56
N LYS B 93 -7.62 32.97 -32.65
CA LYS B 93 -8.13 32.15 -31.56
C LYS B 93 -7.80 32.81 -30.23
N GLN B 94 -8.84 33.12 -29.45
CA GLN B 94 -8.66 33.80 -28.18
C GLN B 94 -8.52 32.85 -26.99
N ASN B 95 -9.00 31.62 -27.12
CA ASN B 95 -8.93 30.65 -26.03
C ASN B 95 -7.67 29.80 -26.20
N LEU B 96 -6.54 30.38 -25.79
CA LEU B 96 -5.25 29.73 -25.86
C LEU B 96 -4.76 29.44 -24.44
N HIS B 97 -4.34 28.21 -24.19
CA HIS B 97 -3.88 27.78 -22.88
C HIS B 97 -2.46 27.24 -23.00
N ALA B 98 -1.55 27.79 -22.20
CA ALA B 98 -0.18 27.30 -22.14
C ALA B 98 -0.13 26.09 -21.22
N ARG B 99 0.22 24.93 -21.78
CA ARG B 99 0.24 23.67 -21.02
C ARG B 99 1.69 23.28 -20.76
N ILE B 100 2.06 23.24 -19.49
CA ILE B 100 3.44 22.96 -19.09
C ILE B 100 3.69 21.46 -19.16
N SER B 101 4.84 21.09 -19.73
CA SER B 101 5.24 19.69 -19.80
C SER B 101 6.75 19.62 -19.72
N GLY B 102 7.25 18.45 -19.30
CA GLY B 102 8.68 18.23 -19.20
C GLY B 102 9.36 19.04 -18.12
N LEU B 103 8.91 18.88 -16.88
CA LEU B 103 9.53 19.56 -15.76
C LEU B 103 10.92 18.99 -15.49
N PRO B 104 11.80 19.78 -14.86
CA PRO B 104 13.11 19.24 -14.48
C PRO B 104 12.97 18.04 -13.56
N VAL B 105 13.60 16.93 -13.97
CA VAL B 105 13.46 15.67 -13.26
C VAL B 105 14.11 15.80 -11.88
N CYS B 106 13.28 15.83 -10.84
CA CYS B 106 13.75 15.93 -9.46
C CYS B 106 12.64 15.44 -8.55
N PRO B 107 12.98 14.90 -7.37
CA PRO B 107 11.92 14.36 -6.49
C PRO B 107 10.98 15.41 -5.94
N GLU B 108 11.33 16.69 -6.02
CA GLU B 108 10.46 17.74 -5.49
C GLU B 108 9.39 18.18 -6.46
N LEU B 109 9.55 17.89 -7.75
CA LEU B 109 8.58 18.25 -8.77
C LEU B 109 7.95 17.05 -9.45
N VAL B 110 8.71 15.97 -9.68
CA VAL B 110 8.19 14.74 -10.26
C VAL B 110 7.84 13.81 -9.10
N ARG B 111 6.55 13.52 -8.94
CA ARG B 111 6.06 12.74 -7.82
C ARG B 111 5.50 11.41 -8.28
N GLU B 112 5.71 10.37 -7.46
CA GLU B 112 5.09 9.07 -7.68
C GLU B 112 4.04 8.75 -6.63
N HIS B 113 3.87 9.59 -5.61
CA HIS B 113 2.85 9.43 -4.59
C HIS B 113 1.88 10.61 -4.66
N ILE B 114 0.83 10.52 -3.86
CA ILE B 114 -0.17 11.61 -3.82
C ILE B 114 0.41 12.78 -3.04
N PRO B 115 0.35 14.00 -3.58
CA PRO B 115 0.88 15.15 -2.84
C PRO B 115 0.13 15.38 -1.54
N LYS B 116 0.86 15.85 -0.53
CA LYS B 116 0.31 16.07 0.81
C LYS B 116 -0.02 17.55 0.98
N THR B 117 -0.32 17.94 2.23
CA THR B 117 -0.67 19.33 2.52
C THR B 117 0.51 20.28 2.36
N LYS B 118 1.74 19.76 2.43
CA LYS B 118 2.92 20.58 2.24
C LYS B 118 3.01 21.11 0.81
N ASP B 119 2.51 20.34 -0.15
CA ASP B 119 2.62 20.69 -1.57
C ASP B 119 1.43 21.50 -2.07
N VAL B 120 0.60 22.03 -1.18
CA VAL B 120 -0.55 22.82 -1.59
C VAL B 120 -0.08 24.15 -2.16
N GLY B 121 -0.55 24.46 -3.37
CA GLY B 121 -0.17 25.68 -4.05
C GLY B 121 1.02 25.56 -4.98
N HIS B 122 1.67 24.40 -5.00
CA HIS B 122 2.82 24.17 -5.86
C HIS B 122 2.40 23.48 -7.15
N PHE B 123 3.14 23.77 -8.22
CA PHE B 123 2.93 23.12 -9.51
C PHE B 123 3.88 21.93 -9.62
N LEU B 124 3.32 20.75 -9.88
CA LEU B 124 4.13 19.54 -9.95
C LEU B 124 3.40 18.50 -10.79
N SER B 125 4.07 17.37 -11.00
CA SER B 125 3.54 16.27 -11.79
C SER B 125 3.35 15.04 -10.93
N VAL B 126 2.26 14.31 -11.16
CA VAL B 126 1.95 13.08 -10.46
C VAL B 126 1.68 12.00 -11.50
N THR B 127 2.34 10.84 -11.32
CA THR B 127 2.19 9.71 -12.22
C THR B 127 1.36 8.63 -11.54
N GLY B 128 0.29 8.22 -12.20
CA GLY B 128 -0.58 7.21 -11.62
C GLY B 128 -1.39 6.50 -12.68
N THR B 129 -2.36 5.71 -12.22
CA THR B 129 -3.26 4.98 -13.09
C THR B 129 -4.70 5.44 -12.85
N VAL B 130 -5.44 5.61 -13.93
CA VAL B 130 -6.81 6.11 -13.85
C VAL B 130 -7.73 4.97 -13.42
N ILE B 131 -8.42 5.16 -12.30
CA ILE B 131 -9.35 4.16 -11.80
C ILE B 131 -10.81 4.57 -11.96
N ARG B 132 -11.08 5.80 -12.39
CA ARG B 132 -12.45 6.29 -12.47
C ARG B 132 -12.50 7.52 -13.36
N THR B 133 -13.52 7.60 -14.20
CA THR B 133 -13.77 8.75 -15.05
C THR B 133 -15.23 9.12 -14.99
N SER B 134 -15.50 10.43 -15.08
CA SER B 134 -16.85 10.95 -15.10
C SER B 134 -17.19 11.46 -16.50
N LEU B 135 -18.48 11.74 -16.70
CA LEU B 135 -18.94 12.21 -18.00
C LEU B 135 -18.42 13.63 -18.26
N VAL B 136 -18.63 14.09 -19.49
CA VAL B 136 -18.24 15.43 -19.89
C VAL B 136 -19.42 16.37 -19.70
N LYS B 137 -19.15 17.58 -19.20
CA LYS B 137 -20.16 18.41 -18.58
C LYS B 137 -20.04 19.86 -19.04
N VAL B 138 -21.11 20.63 -18.83
CA VAL B 138 -21.20 22.03 -19.23
C VAL B 138 -22.01 22.79 -18.19
N LEU B 139 -21.54 23.99 -17.84
CA LEU B 139 -22.19 24.88 -16.87
C LEU B 139 -21.34 26.15 -16.79
N GLU B 140 -21.88 27.15 -16.11
CA GLU B 140 -21.32 28.50 -16.06
C GLU B 140 -20.10 28.56 -15.12
N PHE B 141 -19.25 29.56 -15.36
CA PHE B 141 -18.09 29.81 -14.51
C PHE B 141 -17.87 31.28 -14.17
N GLU B 142 -18.38 32.22 -14.96
CA GLU B 142 -18.32 33.64 -14.65
C GLU B 142 -19.73 34.23 -14.71
N ARG B 143 -19.96 35.28 -13.93
CA ARG B 143 -21.28 35.90 -13.88
C ARG B 143 -21.16 37.41 -14.01
N ASP B 144 -21.92 37.99 -14.94
CA ASP B 144 -21.89 39.42 -15.19
C ASP B 144 -22.87 40.15 -14.28
N TYR B 145 -22.45 41.33 -13.81
CA TYR B 145 -23.27 42.18 -12.97
C TYR B 145 -23.19 43.61 -13.46
N MET B 146 -24.15 44.43 -13.05
CA MET B 146 -24.19 45.83 -13.44
C MET B 146 -24.47 46.72 -12.23
N CYS B 147 -23.94 47.93 -12.29
CA CYS B 147 -24.07 48.91 -11.22
C CYS B 147 -25.31 49.77 -11.44
N ASN B 148 -25.94 50.16 -10.33
CA ASN B 148 -27.18 50.93 -10.39
C ASN B 148 -26.98 52.41 -10.59
N LYS B 149 -25.75 52.92 -10.46
CA LYS B 149 -25.48 54.34 -10.61
C LYS B 149 -24.69 54.70 -11.85
N CYS B 150 -23.75 53.85 -12.28
CA CYS B 150 -22.92 54.13 -13.44
C CYS B 150 -23.18 53.22 -14.63
N LYS B 151 -24.02 52.20 -14.47
CA LYS B 151 -24.36 51.26 -15.55
C LYS B 151 -23.11 50.58 -16.11
N HIS B 152 -22.12 50.34 -15.26
CA HIS B 152 -20.89 49.66 -15.67
C HIS B 152 -21.05 48.17 -15.50
N VAL B 153 -20.82 47.42 -16.58
CA VAL B 153 -20.97 45.98 -16.59
C VAL B 153 -19.62 45.35 -16.23
N PHE B 154 -19.57 44.68 -15.08
CA PHE B 154 -18.38 43.97 -14.64
C PHE B 154 -18.72 42.49 -14.52
N VAL B 155 -17.72 41.69 -14.11
CA VAL B 155 -17.87 40.26 -14.03
C VAL B 155 -17.23 39.75 -12.74
N ILE B 156 -17.82 38.71 -12.16
CA ILE B 156 -17.27 38.03 -11.00
C ILE B 156 -16.97 36.59 -11.39
N LYS B 157 -15.94 36.04 -10.75
CA LYS B 157 -15.44 34.70 -11.00
C LYS B 157 -15.99 33.72 -9.97
N ALA B 158 -15.97 32.44 -10.34
CA ALA B 158 -16.39 31.37 -9.44
C ALA B 158 -15.19 30.85 -8.66
N ASP B 159 -15.35 30.71 -7.35
CA ASP B 159 -14.27 30.24 -6.49
C ASP B 159 -14.07 28.75 -6.71
N PHE B 160 -12.94 28.38 -7.31
CA PHE B 160 -12.63 26.97 -7.52
C PHE B 160 -12.51 26.22 -6.20
N GLU B 161 -12.00 26.89 -5.17
CA GLU B 161 -11.82 26.24 -3.86
C GLU B 161 -13.14 25.98 -3.15
N GLN B 162 -14.24 26.59 -3.61
CA GLN B 162 -15.56 26.35 -3.04
C GLN B 162 -16.50 25.70 -4.04
N TYR B 163 -15.95 24.86 -4.92
CA TYR B 163 -16.74 24.11 -5.90
C TYR B 163 -17.51 25.03 -6.83
N TYR B 164 -16.86 26.12 -7.25
CA TYR B 164 -17.41 27.07 -8.22
C TYR B 164 -18.76 27.64 -7.73
N THR B 165 -18.69 28.37 -6.62
CA THR B 165 -19.83 29.09 -6.09
C THR B 165 -19.54 30.57 -6.09
N PHE B 166 -20.57 31.38 -6.32
CA PHE B 166 -20.43 32.82 -6.47
C PHE B 166 -20.84 33.53 -5.19
N CYS B 167 -20.14 34.63 -4.89
CA CYS B 167 -20.45 35.49 -3.76
C CYS B 167 -20.71 36.89 -4.27
N ARG B 168 -21.78 37.50 -3.78
CA ARG B 168 -22.17 38.82 -4.26
C ARG B 168 -21.24 39.89 -3.71
N PRO B 169 -20.60 40.69 -4.55
CA PRO B 169 -19.71 41.75 -4.06
C PRO B 169 -20.53 42.96 -3.59
N SER B 170 -19.81 43.97 -3.10
CA SER B 170 -20.44 45.20 -2.63
C SER B 170 -19.62 46.43 -3.00
N SER B 171 -18.80 46.34 -4.04
CA SER B 171 -17.99 47.46 -4.49
C SER B 171 -17.99 47.51 -6.01
N CYS B 172 -18.12 48.71 -6.56
CA CYS B 172 -18.17 48.91 -8.00
C CYS B 172 -16.76 48.99 -8.57
N PRO B 173 -16.35 48.00 -9.38
CA PRO B 173 -14.97 48.00 -9.92
C PRO B 173 -14.84 48.80 -11.19
N SER B 174 -15.61 49.88 -11.32
CA SER B 174 -15.53 50.73 -12.51
C SER B 174 -14.30 51.63 -12.43
N LEU B 175 -14.01 52.29 -13.56
CA LEU B 175 -12.86 53.19 -13.61
C LEU B 175 -13.06 54.42 -12.73
N GLU B 176 -14.30 54.78 -12.42
CA GLU B 176 -14.62 55.89 -11.54
C GLU B 176 -15.14 55.33 -10.22
N SER B 177 -14.62 55.87 -9.11
CA SER B 177 -14.94 55.35 -7.78
C SER B 177 -16.41 55.59 -7.47
N CYS B 178 -17.22 54.54 -7.59
CA CYS B 178 -18.63 54.58 -7.25
C CYS B 178 -18.82 54.08 -5.83
N ASP B 179 -19.60 54.81 -5.04
CA ASP B 179 -19.98 54.37 -3.71
C ASP B 179 -21.22 53.50 -3.71
N SER B 180 -21.65 53.02 -4.88
CA SER B 180 -22.86 52.24 -4.99
C SER B 180 -22.60 50.80 -4.55
N SER B 181 -23.49 50.27 -3.71
CA SER B 181 -23.44 48.89 -3.28
C SER B 181 -24.59 48.06 -3.85
N LYS B 182 -25.51 48.69 -4.57
CA LYS B 182 -26.64 47.98 -5.18
C LYS B 182 -26.26 47.59 -6.60
N PHE B 183 -26.15 46.28 -6.83
CA PHE B 183 -25.83 45.73 -8.14
C PHE B 183 -26.91 44.76 -8.57
N THR B 184 -27.04 44.56 -9.88
CA THR B 184 -28.00 43.64 -10.44
C THR B 184 -27.29 42.56 -11.25
N CYS B 185 -27.82 41.34 -11.18
CA CYS B 185 -27.25 40.20 -11.87
C CYS B 185 -27.84 40.06 -13.27
N LEU B 186 -26.97 39.71 -14.23
CA LEU B 186 -27.38 39.55 -15.63
C LEU B 186 -27.03 38.18 -16.18
N SER B 187 -26.83 37.19 -15.30
CA SER B 187 -26.45 35.86 -15.77
C SER B 187 -27.65 35.13 -16.36
N GLY B 188 -28.76 35.07 -15.63
CA GLY B 188 -29.95 34.36 -16.09
C GLY B 188 -30.95 35.16 -16.86
N LEU B 189 -30.75 36.48 -16.96
CA LEU B 189 -31.70 37.32 -17.70
C LEU B 189 -31.60 37.08 -19.19
N SER B 190 -30.38 36.90 -19.70
CA SER B 190 -30.16 36.67 -21.13
C SER B 190 -28.98 35.74 -21.30
N SER B 191 -28.66 35.42 -22.55
CA SER B 191 -27.55 34.56 -22.90
C SER B 191 -26.67 35.25 -23.94
N SER B 192 -26.28 36.49 -23.66
CA SER B 192 -25.43 37.22 -24.59
C SER B 192 -24.05 36.59 -24.72
N PRO B 193 -23.34 36.25 -23.63
CA PRO B 193 -22.08 35.51 -23.80
C PRO B 193 -22.28 34.01 -23.68
N THR B 194 -21.29 33.25 -24.12
CA THR B 194 -21.25 31.81 -23.93
C THR B 194 -20.13 31.42 -22.97
N ARG B 195 -19.96 32.19 -21.89
CA ARG B 195 -18.87 31.98 -20.94
C ARG B 195 -19.12 30.74 -20.09
N CYS B 196 -18.62 29.60 -20.56
CA CYS B 196 -18.72 28.34 -19.83
C CYS B 196 -17.52 27.48 -20.18
N ARG B 197 -16.82 26.99 -19.16
CA ARG B 197 -15.60 26.21 -19.34
C ARG B 197 -15.86 24.73 -19.04
N ASP B 198 -15.22 23.86 -19.82
CA ASP B 198 -15.41 22.43 -19.65
C ASP B 198 -14.92 21.97 -18.28
N TYR B 199 -15.43 20.84 -17.83
CA TYR B 199 -15.13 20.32 -16.51
C TYR B 199 -15.25 18.80 -16.52
N GLN B 200 -14.28 18.13 -15.89
CA GLN B 200 -14.35 16.69 -15.70
C GLN B 200 -13.53 16.31 -14.48
N GLU B 201 -14.06 15.38 -13.69
CA GLU B 201 -13.38 14.86 -12.51
C GLU B 201 -12.94 13.43 -12.80
N ILE B 202 -11.63 13.19 -12.76
CA ILE B 202 -11.10 11.84 -12.88
C ILE B 202 -10.44 11.48 -11.55
N LYS B 203 -10.26 10.17 -11.34
CA LYS B 203 -9.65 9.67 -10.12
C LYS B 203 -8.42 8.85 -10.50
N ILE B 204 -7.26 9.23 -9.98
CA ILE B 204 -6.02 8.51 -10.21
C ILE B 204 -5.62 7.83 -8.92
N GLN B 205 -4.82 6.78 -9.06
CA GLN B 205 -4.31 6.03 -7.92
C GLN B 205 -2.85 5.70 -8.14
N GLU B 206 -2.11 5.62 -7.04
CA GLU B 206 -0.71 5.23 -7.09
C GLU B 206 -0.58 3.82 -7.66
N GLN B 207 0.50 3.60 -8.40
CA GLN B 207 0.74 2.32 -9.05
C GLN B 207 1.55 1.43 -8.11
N VAL B 208 0.88 0.41 -7.54
CA VAL B 208 1.55 -0.53 -6.66
C VAL B 208 2.65 -1.29 -7.39
N GLN B 209 2.60 -1.31 -8.73
CA GLN B 209 3.66 -1.94 -9.51
C GLN B 209 4.98 -1.20 -9.39
N ARG B 210 4.96 0.05 -8.93
CA ARG B 210 6.18 0.83 -8.78
C ARG B 210 6.91 0.47 -7.50
N LEU B 211 8.22 0.74 -7.49
CA LEU B 211 9.05 0.39 -6.34
C LEU B 211 8.82 1.33 -5.16
N SER B 212 8.55 2.61 -5.43
CA SER B 212 8.37 3.57 -4.35
C SER B 212 7.02 3.42 -3.67
N VAL B 213 5.98 2.99 -4.41
CA VAL B 213 4.66 2.82 -3.83
C VAL B 213 4.67 1.57 -2.96
N GLY B 214 4.14 1.70 -1.73
CA GLY B 214 4.13 0.60 -0.79
C GLY B 214 3.08 -0.45 -1.10
N SER B 215 2.38 -0.91 -0.06
CA SER B 215 1.38 -1.95 -0.21
C SER B 215 0.00 -1.38 -0.54
N ILE B 216 -0.42 -0.34 0.18
CA ILE B 216 -1.73 0.28 -0.03
C ILE B 216 -1.50 1.57 -0.83
N PRO B 217 -1.96 1.64 -2.08
CA PRO B 217 -1.85 2.90 -2.82
C PRO B 217 -2.99 3.85 -2.46
N ARG B 218 -2.72 5.15 -2.62
CA ARG B 218 -3.68 6.20 -2.32
C ARG B 218 -4.27 6.76 -3.61
N SER B 219 -5.46 7.34 -3.47
CA SER B 219 -6.19 7.91 -4.60
C SER B 219 -6.22 9.43 -4.52
N MET B 220 -6.56 10.05 -5.65
CA MET B 220 -6.61 11.51 -5.72
C MET B 220 -7.54 11.93 -6.85
N LYS B 221 -8.23 13.04 -6.65
CA LYS B 221 -9.12 13.61 -7.65
C LYS B 221 -8.38 14.65 -8.49
N VAL B 222 -8.52 14.55 -9.81
CA VAL B 222 -7.91 15.48 -10.75
C VAL B 222 -9.02 16.16 -11.53
N ILE B 223 -8.97 17.48 -11.61
CA ILE B 223 -9.96 18.28 -12.30
C ILE B 223 -9.37 18.74 -13.63
N LEU B 224 -9.97 18.28 -14.72
CA LEU B 224 -9.60 18.68 -16.07
C LEU B 224 -10.59 19.71 -16.57
N GLU B 225 -10.07 20.77 -17.19
CA GLU B 225 -10.89 21.85 -17.69
C GLU B 225 -10.53 22.17 -19.13
N ASP B 226 -11.49 22.75 -19.85
CA ASP B 226 -11.32 23.22 -21.23
C ASP B 226 -10.99 22.01 -22.10
N ASP B 227 -9.93 22.05 -22.91
CA ASP B 227 -9.59 20.96 -23.81
C ASP B 227 -9.03 19.74 -23.11
N LEU B 228 -8.82 19.80 -21.80
CA LEU B 228 -8.27 18.66 -21.07
C LEU B 228 -9.28 17.54 -20.86
N VAL B 229 -10.56 17.79 -21.09
CA VAL B 229 -11.57 16.74 -20.97
C VAL B 229 -11.51 15.81 -22.18
N ASP B 230 -12.04 14.60 -22.00
CA ASP B 230 -12.05 13.57 -23.05
C ASP B 230 -10.64 13.23 -23.53
N SER B 231 -9.66 13.32 -22.64
CA SER B 231 -8.27 13.02 -22.98
C SER B 231 -7.77 11.73 -22.36
N CYS B 232 -8.60 11.04 -21.58
CA CYS B 232 -8.19 9.81 -20.93
C CYS B 232 -9.43 8.99 -20.59
N LYS B 233 -9.19 7.71 -20.29
CA LYS B 233 -10.25 6.77 -19.91
C LYS B 233 -9.78 5.98 -18.70
N SER B 234 -10.68 5.15 -18.18
CA SER B 234 -10.39 4.35 -17.00
C SER B 234 -9.39 3.24 -17.35
N GLY B 235 -8.25 3.24 -16.67
CA GLY B 235 -7.21 2.26 -16.88
C GLY B 235 -5.94 2.78 -17.51
N ASP B 236 -5.93 4.05 -17.93
CA ASP B 236 -4.75 4.61 -18.57
C ASP B 236 -3.68 4.96 -17.53
N ASP B 237 -2.44 4.96 -17.99
CA ASP B 237 -1.29 5.38 -17.18
C ASP B 237 -1.01 6.84 -17.51
N LEU B 238 -1.30 7.73 -16.57
CA LEU B 238 -1.19 9.16 -16.80
C LEU B 238 -0.06 9.79 -15.99
N THR B 239 0.49 10.86 -16.54
CA THR B 239 1.47 11.71 -15.87
C THR B 239 0.89 13.13 -15.91
N ILE B 240 0.12 13.48 -14.89
CA ILE B 240 -0.65 14.72 -14.88
C ILE B 240 0.18 15.82 -14.23
N TYR B 241 0.42 16.89 -14.98
CA TYR B 241 1.00 18.11 -14.43
C TYR B 241 -0.12 19.03 -13.97
N GLY B 242 0.11 19.76 -12.90
CA GLY B 242 -0.89 20.70 -12.44
C GLY B 242 -0.59 21.23 -11.05
N ILE B 243 -1.57 21.93 -10.51
CA ILE B 243 -1.46 22.63 -9.23
C ILE B 243 -2.26 21.88 -8.19
N VAL B 244 -1.64 21.63 -7.04
CA VAL B 244 -2.31 20.99 -5.90
C VAL B 244 -3.11 22.07 -5.16
N MET B 245 -4.43 21.90 -5.10
CA MET B 245 -5.31 22.86 -4.46
C MET B 245 -6.21 22.15 -3.47
N GLN B 246 -6.97 22.93 -2.71
CA GLN B 246 -7.86 22.42 -1.67
C GLN B 246 -9.27 22.92 -1.93
N ARG B 247 -10.21 21.98 -2.08
CA ARG B 247 -11.62 22.31 -2.22
C ARG B 247 -12.35 21.88 -0.95
N TRP B 248 -13.18 22.78 -0.42
CA TRP B 248 -13.80 22.56 0.88
C TRP B 248 -15.23 23.04 0.89
N LYS B 249 -16.02 22.43 1.77
CA LYS B 249 -17.37 22.89 2.10
C LYS B 249 -17.47 22.98 3.62
N PRO B 250 -17.96 24.09 4.16
CA PRO B 250 -17.95 24.30 5.61
C PRO B 250 -19.12 23.62 6.31
N PHE B 251 -19.07 23.67 7.64
CA PHE B 251 -20.17 23.18 8.46
C PHE B 251 -21.40 24.05 8.26
N GLN B 252 -22.57 23.44 8.41
CA GLN B 252 -23.84 24.17 8.37
C GLN B 252 -24.68 23.84 9.59
N GLN B 253 -26.01 23.96 9.46
CA GLN B 253 -26.89 23.62 10.58
C GLN B 253 -26.97 22.12 10.78
N ASP B 254 -27.17 21.36 9.70
CA ASP B 254 -27.25 19.91 9.77
C ASP B 254 -26.24 19.21 8.88
N VAL B 255 -25.35 19.96 8.21
CA VAL B 255 -24.40 19.39 7.27
C VAL B 255 -23.00 19.50 7.86
N ARG B 256 -22.20 18.44 7.69
CA ARG B 256 -20.83 18.43 8.13
C ARG B 256 -19.92 19.00 7.05
N CYS B 257 -18.75 19.49 7.47
CA CYS B 257 -17.78 20.02 6.53
C CYS B 257 -17.05 18.89 5.81
N GLU B 258 -16.31 19.27 4.77
CA GLU B 258 -15.51 18.30 4.03
C GLU B 258 -14.42 19.06 3.28
N VAL B 259 -13.17 18.74 3.57
CA VAL B 259 -12.01 19.32 2.89
C VAL B 259 -11.34 18.23 2.07
N GLU B 260 -10.82 18.61 0.90
CA GLU B 260 -10.26 17.64 -0.02
C GLU B 260 -9.10 18.26 -0.79
N ILE B 261 -8.01 17.52 -0.90
CA ILE B 261 -6.86 17.93 -1.70
C ILE B 261 -7.03 17.37 -3.10
N VAL B 262 -7.15 18.26 -4.08
CA VAL B 262 -7.36 17.88 -5.47
C VAL B 262 -6.22 18.45 -6.32
N LEU B 263 -6.17 18.00 -7.57
CA LEU B 263 -5.14 18.42 -8.51
C LEU B 263 -5.82 19.09 -9.70
N LYS B 264 -5.71 20.41 -9.80
CA LYS B 264 -6.20 21.13 -10.97
C LYS B 264 -5.19 20.94 -12.09
N ALA B 265 -5.58 20.22 -13.13
CA ALA B 265 -4.63 19.80 -14.16
C ALA B 265 -4.35 20.93 -15.14
N ASN B 266 -3.14 20.91 -15.69
CA ASN B 266 -2.71 21.84 -16.72
C ASN B 266 -2.26 21.16 -18.00
N TYR B 267 -1.83 19.90 -17.93
CA TYR B 267 -1.46 19.12 -19.11
C TYR B 267 -1.55 17.64 -18.77
N ILE B 268 -1.94 16.84 -19.77
CA ILE B 268 -2.12 15.40 -19.61
C ILE B 268 -1.17 14.69 -20.56
N GLN B 269 -0.50 13.66 -20.06
CA GLN B 269 0.43 12.85 -20.86
C GLN B 269 0.06 11.38 -20.69
N VAL B 270 -0.38 10.76 -21.78
CA VAL B 270 -0.77 9.35 -21.75
C VAL B 270 0.47 8.48 -21.93
N ASN B 271 0.65 7.51 -21.05
CA ASN B 271 1.80 6.62 -21.11
C ASN B 271 1.43 5.26 -21.72
N VAL B 284 25.51 0.66 -9.21
CA VAL B 284 25.23 -0.74 -9.51
C VAL B 284 25.22 -0.96 -11.02
N GLN B 285 25.07 0.13 -11.78
CA GLN B 285 25.06 0.01 -13.23
C GLN B 285 26.39 -0.51 -13.75
N LYS B 286 27.50 -0.09 -13.14
CA LYS B 286 28.80 -0.61 -13.53
C LYS B 286 28.91 -2.11 -13.24
N GLU B 287 28.29 -2.55 -12.14
CA GLU B 287 28.28 -3.98 -11.83
C GLU B 287 27.55 -4.76 -12.91
N PHE B 288 26.33 -4.32 -13.25
CA PHE B 288 25.55 -5.03 -14.28
C PHE B 288 26.30 -5.08 -15.60
N GLU B 289 27.00 -4.00 -15.95
CA GLU B 289 27.82 -4.02 -17.16
C GLU B 289 28.96 -5.03 -17.05
N ASP B 290 29.50 -5.23 -15.85
CA ASP B 290 30.54 -6.21 -15.65
C ASP B 290 29.98 -7.64 -15.63
N PHE B 291 28.80 -7.81 -15.03
CA PHE B 291 28.14 -9.11 -15.10
C PHE B 291 27.78 -9.47 -16.53
N TRP B 292 27.43 -8.47 -17.34
CA TRP B 292 27.09 -8.72 -18.74
C TRP B 292 28.34 -9.09 -19.56
N GLU B 293 29.49 -8.55 -19.19
CA GLU B 293 30.72 -8.88 -19.93
C GLU B 293 31.16 -10.32 -19.64
N TYR B 294 30.99 -10.78 -18.40
CA TYR B 294 31.30 -12.17 -18.09
C TYR B 294 30.31 -13.12 -18.74
N TYR B 295 29.05 -12.70 -18.85
CA TYR B 295 28.03 -13.56 -19.46
C TYR B 295 28.28 -13.73 -20.95
N LYS B 296 28.70 -12.66 -21.63
CA LYS B 296 28.99 -12.73 -23.06
C LYS B 296 30.26 -13.53 -23.33
N PRO B 299 28.38 -17.99 -22.00
CA PRO B 299 26.94 -17.84 -21.76
C PRO B 299 26.35 -18.97 -20.92
N PHE B 300 27.00 -20.14 -20.96
CA PHE B 300 26.51 -21.28 -20.21
C PHE B 300 26.76 -21.12 -18.72
N ALA B 301 27.91 -20.55 -18.34
CA ALA B 301 28.18 -20.27 -16.94
C ALA B 301 27.23 -19.22 -16.39
N GLY B 302 26.81 -18.26 -17.24
CA GLY B 302 25.83 -17.27 -16.81
C GLY B 302 24.45 -17.86 -16.61
N ARG B 303 24.08 -18.85 -17.42
CA ARG B 303 22.80 -19.53 -17.24
C ARG B 303 22.77 -20.28 -15.92
N ASN B 304 23.88 -20.89 -15.53
CA ASN B 304 23.94 -21.61 -14.26
C ASN B 304 23.83 -20.66 -13.07
N VAL B 305 24.35 -19.44 -13.20
CA VAL B 305 24.28 -18.48 -12.11
C VAL B 305 22.87 -17.93 -11.97
N ILE B 306 22.24 -17.55 -13.08
CA ILE B 306 20.88 -17.04 -13.03
C ILE B 306 19.92 -18.11 -12.54
N LEU B 307 20.09 -19.34 -13.02
CA LEU B 307 19.18 -20.41 -12.63
C LEU B 307 19.32 -20.76 -11.16
N ALA B 308 20.55 -20.75 -10.64
CA ALA B 308 20.76 -21.01 -9.23
C ALA B 308 20.26 -19.86 -8.37
N SER B 309 20.41 -18.63 -8.86
CA SER B 309 19.98 -17.45 -8.12
C SER B 309 18.48 -17.18 -8.26
N LEU B 310 17.84 -17.72 -9.29
CA LEU B 310 16.40 -17.55 -9.44
C LEU B 310 15.64 -18.21 -8.29
N CYS B 311 15.93 -19.48 -8.04
CA CYS B 311 15.27 -20.22 -6.96
C CYS B 311 16.26 -21.17 -6.33
N PRO B 312 17.01 -20.70 -5.32
CA PRO B 312 17.99 -21.58 -4.66
C PRO B 312 17.37 -22.55 -3.66
N GLN B 313 16.09 -22.42 -3.35
CA GLN B 313 15.45 -23.27 -2.35
C GLN B 313 14.99 -24.61 -2.90
N VAL B 314 15.53 -25.04 -4.05
CA VAL B 314 15.03 -26.22 -4.74
C VAL B 314 16.20 -27.08 -5.21
N PHE B 315 15.98 -28.38 -5.20
CA PHE B 315 16.99 -29.38 -5.56
C PHE B 315 16.84 -29.74 -7.03
N GLY B 316 17.90 -29.55 -7.81
CA GLY B 316 17.87 -29.93 -9.21
C GLY B 316 16.92 -29.06 -10.02
N MET B 317 16.21 -29.70 -10.94
CA MET B 317 15.24 -29.03 -11.81
C MET B 317 15.90 -27.89 -12.60
N TYR B 318 16.97 -28.24 -13.32
CA TYR B 318 17.69 -27.27 -14.12
C TYR B 318 16.82 -26.72 -15.25
N LEU B 319 15.95 -27.55 -15.82
CA LEU B 319 15.12 -27.10 -16.93
C LEU B 319 14.02 -26.16 -16.47
N VAL B 320 13.47 -26.40 -15.28
CA VAL B 320 12.42 -25.54 -14.76
C VAL B 320 12.98 -24.17 -14.42
N LYS B 321 14.17 -24.12 -13.82
CA LYS B 321 14.81 -22.84 -13.54
C LYS B 321 15.14 -22.10 -14.83
N LEU B 322 15.52 -22.84 -15.87
CA LEU B 322 15.82 -22.21 -17.15
C LEU B 322 14.54 -21.73 -17.83
N ALA B 323 13.49 -22.55 -17.83
CA ALA B 323 12.24 -22.16 -18.48
C ALA B 323 11.62 -20.95 -17.79
N VAL B 324 11.67 -20.90 -16.46
CA VAL B 324 11.19 -19.71 -15.75
C VAL B 324 12.01 -18.49 -16.13
N ALA B 325 13.33 -18.68 -16.31
CA ALA B 325 14.18 -17.57 -16.73
C ALA B 325 13.70 -16.99 -18.05
N MET B 326 13.32 -17.84 -19.01
CA MET B 326 12.79 -17.35 -20.27
C MET B 326 11.42 -16.71 -20.09
N VAL B 327 10.64 -17.18 -19.12
CA VAL B 327 9.32 -16.61 -18.88
C VAL B 327 9.44 -15.18 -18.36
N LEU B 328 10.23 -14.98 -17.31
CA LEU B 328 10.53 -13.63 -16.85
C LEU B 328 11.26 -12.82 -17.92
N ALA B 329 11.92 -13.51 -18.86
CA ALA B 329 12.68 -12.80 -19.88
C ALA B 329 11.78 -12.25 -20.98
N GLY B 330 11.09 -13.13 -21.68
CA GLY B 330 10.24 -12.69 -22.76
C GLY B 330 9.12 -11.78 -22.29
N GLY B 331 8.63 -10.97 -23.21
CA GLY B 331 9.15 -10.93 -24.56
C GLY B 331 8.96 -9.57 -25.20
N ILE B 332 8.97 -9.53 -26.52
CA ILE B 332 8.80 -8.29 -27.28
C ILE B 332 7.70 -8.49 -28.31
N GLN B 333 6.77 -7.55 -28.37
CA GLN B 333 5.72 -7.63 -29.38
C GLN B 333 6.30 -7.37 -30.77
N ARG B 334 5.55 -7.83 -31.78
CA ARG B 334 5.88 -7.61 -33.18
C ARG B 334 4.61 -7.19 -33.91
N THR B 335 4.75 -6.95 -35.22
CA THR B 335 3.60 -6.61 -36.05
C THR B 335 3.83 -7.20 -37.43
N ASP B 336 2.90 -8.04 -37.87
CA ASP B 336 3.05 -8.75 -39.14
C ASP B 336 2.50 -7.90 -40.28
N ALA B 337 2.39 -8.50 -41.47
CA ALA B 337 1.93 -7.76 -42.63
C ALA B 337 0.45 -7.40 -42.53
N THR B 338 -0.32 -8.17 -41.76
CA THR B 338 -1.74 -7.91 -41.56
C THR B 338 -2.00 -6.94 -40.41
N GLY B 339 -0.95 -6.35 -39.85
CA GLY B 339 -1.11 -5.48 -38.69
C GLY B 339 -1.45 -6.19 -37.41
N THR B 340 -1.44 -7.51 -37.40
CA THR B 340 -1.79 -8.27 -36.20
C THR B 340 -0.65 -8.19 -35.18
N ARG B 341 -1.01 -7.89 -33.94
CA ARG B 341 -0.01 -7.85 -32.87
C ARG B 341 0.47 -9.25 -32.54
N VAL B 342 1.78 -9.45 -32.60
CA VAL B 342 2.40 -10.75 -32.36
C VAL B 342 3.10 -10.68 -31.01
N ARG B 343 2.70 -11.58 -30.10
CA ARG B 343 2.99 -11.43 -28.68
C ARG B 343 4.48 -11.61 -28.41
N GLY B 344 4.84 -11.54 -27.13
CA GLY B 344 6.21 -11.80 -26.71
C GLY B 344 6.28 -12.61 -25.44
N GLU B 345 5.25 -12.49 -24.60
CA GLU B 345 5.30 -13.06 -23.26
C GLU B 345 5.16 -14.58 -23.32
N SER B 346 5.85 -15.25 -22.40
CA SER B 346 6.01 -16.70 -22.42
C SER B 346 4.87 -17.38 -21.66
N HIS B 347 4.87 -18.72 -21.71
CA HIS B 347 3.92 -19.55 -20.96
C HIS B 347 4.60 -20.86 -20.60
N LEU B 348 4.70 -21.16 -19.31
CA LEU B 348 5.31 -22.38 -18.82
C LEU B 348 4.33 -23.14 -17.93
N LEU B 349 4.17 -24.43 -18.21
CA LEU B 349 3.29 -25.31 -17.45
C LEU B 349 4.12 -26.30 -16.66
N LEU B 350 3.77 -26.47 -15.38
CA LEU B 350 4.52 -27.33 -14.47
C LEU B 350 3.56 -28.41 -13.99
N VAL B 351 3.59 -29.57 -14.64
CA VAL B 351 2.73 -30.69 -14.25
C VAL B 351 3.56 -31.57 -13.34
N GLY B 352 3.66 -31.14 -12.09
CA GLY B 352 4.42 -31.82 -11.08
C GLY B 352 3.55 -32.40 -9.99
N ASP B 353 3.99 -33.48 -9.35
CA ASP B 353 3.27 -34.03 -8.22
C ASP B 353 3.16 -33.00 -7.10
N PRO B 354 2.07 -33.01 -6.35
CA PRO B 354 1.92 -32.03 -5.26
C PRO B 354 3.02 -32.19 -4.21
N GLY B 355 3.51 -31.06 -3.73
CA GLY B 355 4.55 -31.05 -2.73
C GLY B 355 5.96 -31.19 -3.26
N THR B 356 6.15 -31.17 -4.57
CA THR B 356 7.48 -31.26 -5.15
C THR B 356 8.20 -29.92 -5.16
N GLY B 357 7.51 -28.82 -4.84
CA GLY B 357 8.12 -27.52 -4.77
C GLY B 357 7.80 -26.59 -5.93
N LYS B 358 6.96 -27.01 -6.87
CA LYS B 358 6.60 -26.14 -7.98
C LYS B 358 5.88 -24.88 -7.50
N SER B 359 5.10 -25.00 -6.43
CA SER B 359 4.44 -23.81 -5.87
C SER B 359 5.44 -22.89 -5.19
N GLN B 360 6.51 -23.45 -4.63
CA GLN B 360 7.54 -22.62 -4.00
C GLN B 360 8.24 -21.75 -5.04
N PHE B 361 8.39 -22.26 -6.26
CA PHE B 361 8.92 -21.49 -7.38
C PHE B 361 8.08 -20.26 -7.64
N LEU B 362 6.82 -20.49 -8.05
CA LEU B 362 5.98 -19.42 -8.58
C LEU B 362 5.76 -18.31 -7.56
N LYS B 363 5.66 -18.66 -6.27
CA LYS B 363 5.39 -17.66 -5.25
C LYS B 363 6.62 -16.78 -4.99
N TYR B 364 7.80 -17.41 -4.84
CA TYR B 364 9.02 -16.63 -4.69
C TYR B 364 9.31 -15.85 -5.96
N ALA B 365 9.03 -16.43 -7.13
CA ALA B 365 9.21 -15.73 -8.39
C ALA B 365 8.26 -14.55 -8.53
N ALA B 366 7.06 -14.66 -7.94
CA ALA B 366 6.12 -13.54 -7.96
C ALA B 366 6.49 -12.48 -6.94
N LYS B 367 7.13 -12.86 -5.83
CA LYS B 367 7.58 -11.89 -4.85
C LYS B 367 8.91 -11.26 -5.24
N ILE B 368 9.73 -11.97 -6.02
CA ILE B 368 11.02 -11.43 -6.43
C ILE B 368 10.89 -10.46 -7.61
N THR B 369 9.77 -10.51 -8.33
CA THR B 369 9.64 -9.75 -9.56
C THR B 369 8.76 -8.54 -9.34
N PRO B 370 9.19 -7.35 -9.77
CA PRO B 370 8.28 -6.20 -9.78
C PRO B 370 7.30 -6.31 -10.94
N ARG B 371 6.10 -5.79 -10.71
CA ARG B 371 4.96 -5.93 -11.62
C ARG B 371 4.67 -7.40 -11.89
N SER B 372 4.08 -8.05 -10.88
CA SER B 372 3.85 -9.48 -10.88
C SER B 372 2.60 -9.79 -10.08
N VAL B 373 1.85 -10.82 -10.52
CA VAL B 373 0.64 -11.29 -9.86
C VAL B 373 0.70 -12.81 -9.81
N LEU B 374 -0.24 -13.40 -9.07
CA LEU B 374 -0.29 -14.83 -8.83
C LEU B 374 -1.65 -15.20 -8.27
N THR B 375 -2.01 -16.48 -8.36
CA THR B 375 -3.19 -17.03 -7.71
C THR B 375 -3.01 -18.53 -7.58
N THR B 376 -4.03 -19.19 -7.03
CA THR B 376 -4.01 -20.64 -6.78
C THR B 376 -5.25 -21.31 -7.37
N GLY B 377 -5.47 -21.09 -8.67
CA GLY B 377 -6.57 -21.73 -9.40
C GLY B 377 -7.99 -21.46 -8.91
N ILE B 378 -8.65 -22.51 -8.41
CA ILE B 378 -10.06 -22.41 -8.06
C ILE B 378 -10.29 -21.39 -6.96
N GLY B 379 -9.24 -20.99 -6.24
CA GLY B 379 -9.38 -19.91 -5.27
C GLY B 379 -9.74 -18.57 -5.89
N SER B 380 -9.55 -18.43 -7.20
CA SER B 380 -9.92 -17.21 -7.92
C SER B 380 -10.52 -17.62 -9.27
N THR B 381 -11.84 -17.51 -9.39
CA THR B 381 -12.53 -17.90 -10.60
C THR B 381 -12.39 -16.81 -11.66
N SER B 382 -13.21 -16.87 -12.71
CA SER B 382 -13.11 -15.90 -13.80
C SER B 382 -13.42 -14.48 -13.34
N ALA B 383 -14.15 -14.33 -12.24
CA ALA B 383 -14.40 -12.99 -11.70
C ALA B 383 -13.12 -12.36 -11.17
N GLY B 384 -12.17 -13.16 -10.72
CA GLY B 384 -10.89 -12.69 -10.25
C GLY B 384 -9.74 -12.87 -11.22
N LEU B 385 -10.01 -13.37 -12.42
CA LEU B 385 -8.98 -13.57 -13.43
C LEU B 385 -9.03 -12.56 -14.56
N THR B 386 -10.23 -12.19 -15.02
CA THR B 386 -10.35 -11.30 -16.17
C THR B 386 -11.03 -9.98 -15.81
N VAL B 387 -12.35 -9.90 -15.99
CA VAL B 387 -13.07 -8.65 -15.85
C VAL B 387 -14.27 -8.85 -14.93
N THR B 388 -14.70 -7.75 -14.30
CA THR B 388 -15.88 -7.74 -13.46
C THR B 388 -16.52 -6.36 -13.54
N ALA B 389 -17.79 -6.31 -13.90
CA ALA B 389 -18.51 -5.04 -14.04
C ALA B 389 -19.02 -4.62 -12.67
N VAL B 390 -18.20 -3.87 -11.94
CA VAL B 390 -18.61 -3.34 -10.64
C VAL B 390 -19.71 -2.31 -10.86
N LYS B 391 -20.86 -2.52 -10.21
CA LYS B 391 -22.02 -1.68 -10.42
C LYS B 391 -22.43 -1.00 -9.13
N ASP B 392 -23.18 0.09 -9.28
CA ASP B 392 -23.73 0.87 -8.19
C ASP B 392 -24.69 1.91 -8.78
N SER B 393 -25.99 1.73 -8.56
CA SER B 393 -27.04 2.54 -9.20
C SER B 393 -26.91 2.35 -10.72
N GLY B 394 -27.15 3.38 -11.52
CA GLY B 394 -26.99 3.26 -12.95
C GLY B 394 -25.58 3.60 -13.39
N GLU B 395 -24.59 3.24 -12.56
CA GLU B 395 -23.20 3.57 -12.79
C GLU B 395 -22.36 2.30 -12.66
N TRP B 396 -21.32 2.19 -13.47
CA TRP B 396 -20.47 1.02 -13.45
C TRP B 396 -19.07 1.38 -13.93
N ASN B 397 -18.13 0.48 -13.64
CA ASN B 397 -16.75 0.62 -14.08
C ASN B 397 -16.19 -0.78 -14.35
N LEU B 398 -14.91 -0.83 -14.70
CA LEU B 398 -14.24 -2.07 -15.06
C LEU B 398 -13.22 -2.45 -13.99
N GLU B 399 -13.33 -3.67 -13.46
CA GLU B 399 -12.39 -4.20 -12.49
C GLU B 399 -11.46 -5.20 -13.17
N ALA B 400 -10.17 -5.10 -12.84
CA ALA B 400 -9.15 -5.93 -13.46
C ALA B 400 -8.91 -7.20 -12.64
N GLY B 401 -8.68 -8.30 -13.34
CA GLY B 401 -8.40 -9.58 -12.71
C GLY B 401 -6.92 -9.93 -12.76
N ALA B 402 -6.65 -11.21 -12.48
CA ALA B 402 -5.27 -11.67 -12.47
C ALA B 402 -4.64 -11.57 -13.86
N LEU B 403 -5.39 -11.91 -14.90
CA LEU B 403 -4.85 -11.85 -16.26
C LEU B 403 -4.74 -10.42 -16.77
N VAL B 404 -5.38 -9.46 -16.13
CA VAL B 404 -5.35 -8.07 -16.54
C VAL B 404 -4.32 -7.27 -15.76
N LEU B 405 -4.31 -7.44 -14.42
CA LEU B 405 -3.33 -6.74 -13.59
C LEU B 405 -1.91 -7.11 -13.96
N ALA B 406 -1.70 -8.25 -14.61
CA ALA B 406 -0.39 -8.68 -15.05
C ALA B 406 -0.03 -8.14 -16.43
N ASP B 407 -0.77 -7.16 -16.95
CA ASP B 407 -0.42 -6.56 -18.23
C ASP B 407 0.99 -6.00 -18.18
N ALA B 408 1.82 -6.42 -19.14
CA ALA B 408 3.26 -6.14 -19.14
C ALA B 408 3.93 -6.69 -17.88
N GLY B 409 3.42 -7.80 -17.39
CA GLY B 409 3.93 -8.43 -16.18
C GLY B 409 3.73 -9.92 -16.29
N LEU B 410 3.72 -10.58 -15.13
CA LEU B 410 3.63 -12.03 -15.04
C LEU B 410 2.41 -12.44 -14.22
N CYS B 411 1.72 -13.47 -14.68
CA CYS B 411 0.57 -14.05 -13.98
C CYS B 411 0.87 -15.51 -13.69
N CYS B 412 0.88 -15.87 -12.41
CA CYS B 412 1.11 -17.25 -11.98
C CYS B 412 -0.16 -17.87 -11.46
N ILE B 413 -0.42 -19.12 -11.86
CA ILE B 413 -1.65 -19.81 -11.47
C ILE B 413 -1.33 -21.24 -11.04
N ASP B 414 -1.26 -21.47 -9.74
CA ASP B 414 -1.20 -22.83 -9.22
C ASP B 414 -2.60 -23.45 -9.24
N GLU B 415 -2.65 -24.77 -9.11
CA GLU B 415 -3.90 -25.53 -9.22
C GLU B 415 -4.61 -25.19 -10.52
N PHE B 416 -3.84 -25.17 -11.62
CA PHE B 416 -4.32 -24.64 -12.89
C PHE B 416 -5.43 -25.51 -13.47
N ASN B 417 -5.40 -26.81 -13.23
CA ASN B 417 -6.45 -27.70 -13.72
C ASN B 417 -7.64 -27.80 -12.77
N SER B 418 -7.56 -27.16 -11.60
CA SER B 418 -8.68 -27.15 -10.66
C SER B 418 -9.73 -26.10 -11.02
N LEU B 419 -9.51 -25.33 -12.09
CA LEU B 419 -10.44 -24.31 -12.52
C LEU B 419 -11.58 -24.92 -13.32
N LYS B 420 -12.66 -24.15 -13.46
CA LYS B 420 -13.77 -24.56 -14.29
C LYS B 420 -13.47 -24.30 -15.76
N GLU B 421 -14.27 -24.91 -16.64
CA GLU B 421 -14.05 -24.78 -18.07
C GLU B 421 -14.26 -23.36 -18.57
N HIS B 422 -14.92 -22.51 -17.79
CA HIS B 422 -15.11 -21.11 -18.17
C HIS B 422 -13.99 -20.22 -17.66
N ASP B 423 -13.37 -20.58 -16.53
CA ASP B 423 -12.14 -19.92 -16.13
C ASP B 423 -11.02 -20.23 -17.11
N ARG B 424 -11.01 -21.46 -17.64
CA ARG B 424 -10.01 -21.81 -18.65
C ARG B 424 -10.29 -21.11 -19.97
N THR B 425 -11.58 -20.97 -20.33
CA THR B 425 -11.92 -20.26 -21.55
C THR B 425 -11.45 -18.81 -21.50
N SER B 426 -11.60 -18.17 -20.34
CA SER B 426 -11.07 -16.82 -20.17
C SER B 426 -9.55 -16.81 -20.27
N ILE B 427 -8.89 -17.83 -19.71
CA ILE B 427 -7.45 -17.94 -19.84
C ILE B 427 -7.07 -18.26 -21.28
N HIS B 428 -7.92 -19.04 -21.98
CA HIS B 428 -7.66 -19.33 -23.39
C HIS B 428 -7.59 -18.06 -24.22
N GLU B 429 -8.45 -17.09 -23.94
CA GLU B 429 -8.44 -15.84 -24.70
C GLU B 429 -7.22 -14.99 -24.35
N ALA B 430 -6.85 -14.94 -23.07
CA ALA B 430 -5.70 -14.15 -22.67
C ALA B 430 -4.40 -14.74 -23.22
N MET B 431 -4.35 -16.06 -23.38
CA MET B 431 -3.17 -16.71 -23.93
C MET B 431 -3.12 -16.67 -25.45
N GLU B 432 -4.20 -16.26 -26.10
CA GLU B 432 -4.30 -16.35 -27.56
C GLU B 432 -4.48 -15.01 -28.26
N GLN B 433 -4.75 -13.93 -27.52
CA GLN B 433 -5.04 -12.64 -28.14
C GLN B 433 -4.39 -11.45 -27.46
N GLN B 434 -3.71 -11.64 -26.32
CA GLN B 434 -3.27 -10.55 -25.45
C GLN B 434 -4.42 -9.68 -24.98
N THR B 435 -5.66 -10.13 -25.16
CA THR B 435 -6.84 -9.33 -24.86
C THR B 435 -7.86 -10.19 -24.11
N ILE B 436 -8.84 -9.51 -23.52
CA ILE B 436 -9.96 -10.16 -22.84
C ILE B 436 -11.23 -9.39 -23.17
N SER B 437 -12.21 -10.08 -23.73
CA SER B 437 -13.46 -9.43 -24.12
C SER B 437 -14.31 -9.13 -22.90
N VAL B 438 -14.84 -7.91 -22.85
CA VAL B 438 -15.68 -7.46 -21.74
C VAL B 438 -17.11 -7.37 -22.23
N ALA B 439 -18.04 -7.98 -21.49
CA ALA B 439 -19.45 -7.95 -21.83
C ALA B 439 -20.31 -8.34 -20.63
N LYS B 440 -20.19 -7.59 -19.54
CA LYS B 440 -20.92 -7.86 -18.31
C LYS B 440 -21.76 -6.64 -17.96
N ALA B 441 -23.04 -6.87 -17.69
CA ALA B 441 -24.01 -5.81 -17.38
C ALA B 441 -24.04 -4.85 -18.57
N GLY B 442 -23.85 -3.55 -18.37
CA GLY B 442 -23.83 -2.62 -19.48
C GLY B 442 -22.43 -2.19 -19.86
N LEU B 443 -21.44 -3.03 -19.53
CA LEU B 443 -20.03 -2.75 -19.79
C LEU B 443 -19.55 -3.69 -20.88
N VAL B 444 -19.38 -3.16 -22.09
CA VAL B 444 -18.89 -3.91 -23.24
C VAL B 444 -17.66 -3.18 -23.77
N CYS B 445 -16.54 -3.89 -23.85
CA CYS B 445 -15.29 -3.30 -24.29
C CYS B 445 -14.30 -4.40 -24.65
N LYS B 446 -13.15 -3.98 -25.17
CA LYS B 446 -12.04 -4.87 -25.49
C LYS B 446 -10.82 -4.40 -24.68
N LEU B 447 -10.35 -5.26 -23.79
CA LEU B 447 -9.32 -4.90 -22.82
C LEU B 447 -8.02 -5.61 -23.14
N ASN B 448 -6.91 -4.87 -23.11
CA ASN B 448 -5.60 -5.43 -23.43
C ASN B 448 -4.99 -6.11 -22.20
N THR B 449 -4.60 -7.37 -22.37
CA THR B 449 -4.01 -8.17 -21.28
C THR B 449 -2.71 -8.82 -21.79
N ARG B 450 -1.74 -7.98 -22.16
CA ARG B 450 -0.45 -8.43 -22.65
C ARG B 450 0.36 -8.95 -21.47
N THR B 451 0.31 -10.25 -21.24
CA THR B 451 0.93 -10.82 -20.05
C THR B 451 1.49 -12.21 -20.36
N THR B 452 2.38 -12.66 -19.49
CA THR B 452 2.86 -14.03 -19.48
C THR B 452 2.20 -14.81 -18.34
N ILE B 453 1.98 -16.10 -18.57
CA ILE B 453 1.25 -16.94 -17.64
C ILE B 453 2.13 -18.14 -17.27
N LEU B 454 2.45 -18.26 -15.97
CA LEU B 454 3.25 -19.35 -15.43
C LEU B 454 2.34 -20.23 -14.58
N ALA B 455 1.92 -21.36 -15.14
CA ALA B 455 0.92 -22.20 -14.51
C ALA B 455 1.54 -23.47 -13.93
N ALA B 456 0.83 -24.08 -12.99
CA ALA B 456 1.22 -25.34 -12.38
C ALA B 456 -0.04 -26.12 -12.06
N THR B 457 -0.08 -27.38 -12.46
CA THR B 457 -1.27 -28.21 -12.36
C THR B 457 -1.10 -29.30 -11.30
N ASN B 458 -2.19 -29.60 -10.60
CA ASN B 458 -2.24 -30.75 -9.70
C ASN B 458 -2.87 -31.91 -10.47
N PRO B 459 -2.12 -32.97 -10.79
CA PRO B 459 -2.69 -34.06 -11.59
C PRO B 459 -3.68 -34.91 -10.82
N LYS B 460 -3.99 -36.08 -11.35
CA LYS B 460 -4.93 -36.99 -10.71
C LYS B 460 -4.30 -37.70 -9.52
N SER B 468 1.90 -42.28 -18.95
CA SER B 468 2.40 -41.21 -19.80
C SER B 468 1.86 -39.85 -19.36
N VAL B 469 2.34 -38.77 -19.98
CA VAL B 469 1.92 -37.42 -19.63
C VAL B 469 0.98 -36.90 -20.70
N SER B 470 -0.17 -37.56 -20.83
CA SER B 470 -1.26 -37.09 -21.67
C SER B 470 -2.58 -37.56 -21.09
N VAL B 471 -2.55 -38.31 -19.98
CA VAL B 471 -3.76 -38.79 -19.32
C VAL B 471 -3.86 -38.26 -17.89
N ASN B 472 -2.72 -38.05 -17.22
CA ASN B 472 -2.77 -37.57 -15.84
C ASN B 472 -3.16 -36.12 -15.75
N ILE B 473 -3.03 -35.36 -16.83
CA ILE B 473 -3.36 -33.94 -16.83
C ILE B 473 -4.87 -33.78 -17.02
N ALA B 474 -5.46 -32.87 -16.26
CA ALA B 474 -6.90 -32.55 -16.36
C ALA B 474 -7.15 -31.33 -17.22
N LEU B 475 -6.39 -31.18 -18.30
CA LEU B 475 -6.53 -30.05 -19.22
C LEU B 475 -6.84 -30.55 -20.62
N GLY B 476 -7.64 -29.78 -21.34
CA GLY B 476 -7.94 -30.13 -22.71
C GLY B 476 -6.72 -29.98 -23.61
N SER B 477 -6.73 -30.75 -24.71
CA SER B 477 -5.62 -30.67 -25.66
C SER B 477 -5.41 -29.28 -26.25
N PRO B 478 -6.43 -28.46 -26.52
CA PRO B 478 -6.14 -27.08 -26.93
C PRO B 478 -5.40 -26.28 -25.87
N LEU B 479 -5.62 -26.58 -24.60
CA LEU B 479 -4.97 -25.81 -23.54
C LEU B 479 -3.53 -26.26 -23.32
N LEU B 480 -3.26 -27.58 -23.43
CA LEU B 480 -1.90 -28.05 -23.33
C LEU B 480 -1.04 -27.51 -24.48
N SER B 481 -1.63 -27.37 -25.67
CA SER B 481 -0.92 -26.78 -26.78
C SER B 481 -0.69 -25.28 -26.60
N ARG B 482 -1.40 -24.65 -25.66
CA ARG B 482 -1.28 -23.22 -25.43
C ARG B 482 -0.02 -22.84 -24.66
N PHE B 483 0.75 -23.81 -24.17
CA PHE B 483 1.94 -23.54 -23.39
C PHE B 483 3.19 -23.75 -24.24
N ASP B 484 4.17 -22.87 -24.06
CA ASP B 484 5.42 -22.97 -24.80
C ASP B 484 6.25 -24.16 -24.33
N LEU B 485 6.30 -24.38 -23.02
CA LEU B 485 7.07 -25.47 -22.43
C LEU B 485 6.21 -26.17 -21.39
N ILE B 486 6.18 -27.50 -21.44
CA ILE B 486 5.45 -28.32 -20.48
C ILE B 486 6.46 -29.24 -19.81
N LEU B 487 6.68 -29.03 -18.51
CA LEU B 487 7.67 -29.79 -17.75
C LEU B 487 6.97 -30.60 -16.66
N VAL B 488 7.48 -31.80 -16.42
CA VAL B 488 6.89 -32.72 -15.45
C VAL B 488 7.87 -32.91 -14.29
N LEU B 489 7.33 -32.88 -13.08
CA LEU B 489 8.15 -32.98 -11.87
C LEU B 489 7.77 -34.21 -11.05
N ARG B 499 19.99 -37.00 2.57
CA ARG B 499 21.34 -36.60 2.95
C ARG B 499 21.73 -35.31 2.23
N ILE B 500 21.83 -35.37 0.91
CA ILE B 500 22.02 -34.17 0.11
C ILE B 500 20.81 -33.26 0.15
N ILE B 501 19.68 -33.76 0.62
CA ILE B 501 18.47 -32.96 0.77
C ILE B 501 18.37 -32.36 2.16
N SER B 502 18.74 -33.14 3.19
CA SER B 502 18.66 -32.65 4.56
C SER B 502 19.75 -31.62 4.84
N SER B 503 20.98 -31.90 4.41
CA SER B 503 22.07 -30.96 4.64
C SER B 503 21.90 -29.69 3.82
N PHE B 504 21.23 -29.78 2.68
CA PHE B 504 20.95 -28.59 1.88
C PHE B 504 20.03 -27.63 2.62
N ILE B 505 18.99 -28.17 3.27
CA ILE B 505 18.12 -27.34 4.10
C ILE B 505 18.86 -26.90 5.36
N LEU B 506 19.67 -27.80 5.93
CA LEU B 506 20.40 -27.48 7.16
C LEU B 506 21.35 -26.30 6.95
N GLU B 507 22.06 -26.29 5.82
CA GLU B 507 22.94 -25.16 5.53
C GLU B 507 22.14 -23.91 5.17
N ASN B 508 20.94 -24.08 4.60
CA ASN B 508 20.03 -22.95 4.47
C ASN B 508 19.51 -22.51 5.83
N LYS B 509 19.36 -23.45 6.77
CA LYS B 509 18.97 -23.12 8.13
C LYS B 509 20.20 -22.77 8.97
N SER B 520 21.08 -12.21 -4.91
CA SER B 520 19.94 -12.14 -4.02
C SER B 520 18.67 -11.77 -4.78
N MET B 521 17.56 -11.68 -4.05
CA MET B 521 16.28 -11.36 -4.68
C MET B 521 16.29 -9.97 -5.31
N GLU B 522 16.96 -9.03 -4.66
CA GLU B 522 16.93 -7.65 -5.12
C GLU B 522 17.71 -7.45 -6.42
N LYS B 523 18.90 -8.04 -6.51
CA LYS B 523 19.69 -7.90 -7.73
C LYS B 523 19.03 -8.61 -8.90
N MET B 524 18.53 -9.83 -8.67
CA MET B 524 17.84 -10.56 -9.73
C MET B 524 16.62 -9.78 -10.22
N LYS B 525 15.94 -9.08 -9.32
CA LYS B 525 14.86 -8.19 -9.73
C LYS B 525 15.38 -7.08 -10.64
N THR B 526 16.50 -6.46 -10.25
CA THR B 526 17.06 -5.39 -11.07
C THR B 526 17.71 -5.93 -12.34
N TYR B 527 18.17 -7.18 -12.31
CA TYR B 527 18.61 -7.83 -13.54
C TYR B 527 17.47 -7.83 -14.56
N PHE B 528 16.48 -8.70 -14.35
CA PHE B 528 15.38 -8.87 -15.31
C PHE B 528 14.69 -7.56 -15.66
N CYS B 529 14.85 -6.50 -14.86
CA CYS B 529 14.30 -5.20 -15.23
C CYS B 529 15.08 -4.58 -16.37
N LEU B 530 16.38 -4.32 -16.15
CA LEU B 530 17.24 -3.84 -17.23
C LEU B 530 17.23 -4.80 -18.41
N ILE B 531 17.17 -6.09 -18.13
CA ILE B 531 17.30 -7.10 -19.17
C ILE B 531 16.03 -7.17 -20.03
N ARG B 532 14.86 -6.84 -19.45
CA ARG B 532 13.62 -6.90 -20.20
C ARG B 532 13.46 -5.80 -21.23
N ASN B 533 14.47 -4.93 -21.39
CA ASN B 533 14.41 -3.85 -22.35
C ASN B 533 15.28 -4.08 -23.57
N LEU B 534 15.94 -5.24 -23.67
CA LEU B 534 16.78 -5.55 -24.82
C LEU B 534 15.94 -5.92 -26.02
N SER B 539 16.72 -14.51 -36.39
CA SER B 539 17.70 -14.68 -37.45
C SER B 539 17.42 -15.96 -38.25
N ASP B 540 18.18 -16.16 -39.33
CA ASP B 540 18.01 -17.34 -40.15
C ASP B 540 18.52 -18.59 -39.44
N VAL B 541 19.65 -18.48 -38.75
CA VAL B 541 20.21 -19.64 -38.06
C VAL B 541 19.30 -20.09 -36.93
N GLY B 542 18.62 -19.16 -36.28
CA GLY B 542 17.63 -19.51 -35.29
C GLY B 542 16.49 -20.28 -35.91
N ASN B 543 15.83 -19.65 -36.89
CA ASN B 543 14.67 -20.26 -37.54
C ASN B 543 14.96 -21.65 -38.08
N GLN B 544 16.19 -21.89 -38.54
CA GLN B 544 16.56 -23.23 -38.99
C GLN B 544 16.48 -24.24 -37.85
N VAL B 545 17.10 -23.90 -36.72
CA VAL B 545 17.16 -24.82 -35.57
C VAL B 545 15.75 -25.23 -35.14
N LEU B 546 14.81 -24.29 -35.18
CA LEU B 546 13.46 -24.52 -34.69
C LEU B 546 12.55 -25.13 -35.74
N LEU B 547 12.82 -24.88 -37.03
CA LEU B 547 12.06 -25.54 -38.08
C LEU B 547 12.51 -26.99 -38.25
N ARG B 548 13.82 -27.25 -38.13
CA ARG B 548 14.32 -28.61 -38.22
C ARG B 548 13.78 -29.48 -37.09
N TYR B 549 13.76 -28.94 -35.87
CA TYR B 549 13.22 -29.69 -34.74
C TYR B 549 11.72 -29.95 -34.91
N TYR B 550 10.99 -28.96 -35.43
CA TYR B 550 9.55 -29.14 -35.64
C TYR B 550 9.27 -30.13 -36.75
N GLN B 551 10.07 -30.08 -37.83
CA GLN B 551 9.88 -31.03 -38.92
C GLN B 551 10.16 -32.46 -38.47
N MET B 552 11.13 -32.65 -37.56
CA MET B 552 11.39 -33.99 -37.04
C MET B 552 10.23 -34.49 -36.17
N GLN B 553 9.47 -33.57 -35.57
CA GLN B 553 8.29 -33.93 -34.81
C GLN B 553 7.04 -34.01 -35.67
N ARG B 554 7.10 -33.54 -36.92
CA ARG B 554 5.97 -33.55 -37.83
C ARG B 554 6.01 -34.68 -38.84
N GLN B 555 7.19 -35.15 -39.21
CA GLN B 555 7.31 -36.18 -40.24
C GLN B 555 6.80 -37.53 -39.74
N SER B 556 7.37 -38.03 -38.64
CA SER B 556 6.96 -39.31 -38.06
C SER B 556 5.53 -39.15 -37.56
N ASP B 557 4.59 -39.34 -38.49
CA ASP B 557 3.21 -38.92 -38.26
C ASP B 557 2.40 -40.15 -37.84
N CYS B 558 2.13 -40.25 -36.53
CA CYS B 558 1.09 -41.16 -36.06
C CYS B 558 -0.21 -40.39 -35.94
N ARG B 559 -0.97 -40.64 -34.87
CA ARG B 559 -2.22 -39.94 -34.62
C ARG B 559 -2.07 -38.62 -33.88
N ASN B 560 -0.86 -38.18 -33.51
CA ASN B 560 -0.70 -36.99 -32.68
C ASN B 560 0.19 -35.96 -33.36
N ALA B 561 -0.41 -34.83 -33.74
CA ALA B 561 0.31 -33.70 -34.31
C ALA B 561 -0.59 -32.49 -34.44
N ALA B 562 -0.22 -31.38 -33.82
CA ALA B 562 -1.00 -30.16 -33.86
C ALA B 562 -0.42 -29.19 -34.88
N ARG B 563 -1.11 -28.08 -35.07
CA ARG B 563 -0.70 -27.05 -36.02
C ARG B 563 -0.19 -25.84 -35.26
N THR B 564 1.01 -25.37 -35.61
CA THR B 564 1.56 -24.19 -34.98
C THR B 564 0.77 -22.94 -35.38
N THR B 565 0.65 -22.01 -34.44
CA THR B 565 -0.02 -20.75 -34.72
C THR B 565 0.91 -19.57 -34.48
N ILE B 566 1.42 -19.41 -33.26
CA ILE B 566 2.31 -18.30 -32.93
C ILE B 566 3.07 -18.65 -31.65
N ARG B 567 2.46 -19.50 -30.82
CA ARG B 567 3.07 -19.83 -29.54
C ARG B 567 4.42 -20.52 -29.72
N LEU B 568 4.57 -21.30 -30.79
CA LEU B 568 5.91 -21.80 -31.09
C LEU B 568 6.81 -20.62 -31.47
N LEU B 569 6.50 -20.00 -32.62
CA LEU B 569 7.37 -18.98 -33.20
C LEU B 569 7.82 -17.94 -32.18
N GLU B 570 6.89 -17.43 -31.38
CA GLU B 570 7.23 -16.36 -30.45
C GLU B 570 7.78 -16.87 -29.14
N SER B 571 7.62 -18.15 -28.82
CA SER B 571 8.48 -18.76 -27.82
C SER B 571 9.92 -18.82 -28.32
N LEU B 572 10.10 -19.30 -29.55
CA LEU B 572 11.42 -19.30 -30.17
C LEU B 572 12.04 -17.91 -30.15
N ILE B 573 11.23 -16.86 -30.26
CA ILE B 573 11.76 -15.50 -30.20
C ILE B 573 12.16 -15.15 -28.77
N ARG B 574 11.25 -15.33 -27.82
CA ARG B 574 11.54 -14.93 -26.45
C ARG B 574 12.55 -15.87 -25.79
N LEU B 575 12.59 -17.14 -26.21
CA LEU B 575 13.69 -18.00 -25.78
C LEU B 575 15.00 -17.53 -26.38
N ALA B 576 15.02 -17.26 -27.69
CA ALA B 576 16.21 -16.74 -28.34
C ALA B 576 16.66 -15.42 -27.72
N GLU B 577 15.71 -14.52 -27.46
CA GLU B 577 16.00 -13.34 -26.69
C GLU B 577 16.59 -13.71 -25.34
N ALA B 578 15.87 -14.55 -24.58
CA ALA B 578 16.26 -14.88 -23.21
C ALA B 578 17.71 -15.32 -23.12
N HIS B 579 18.12 -16.25 -24.00
CA HIS B 579 19.51 -16.70 -23.98
C HIS B 579 20.48 -15.56 -24.28
N ALA B 580 20.04 -14.57 -25.06
CA ALA B 580 20.82 -13.37 -25.31
C ALA B 580 20.49 -12.26 -24.31
N ARG B 581 19.20 -12.11 -23.98
CA ARG B 581 18.72 -11.22 -22.94
C ARG B 581 19.53 -11.42 -21.67
N LEU B 582 19.34 -12.59 -21.04
CA LEU B 582 19.98 -12.89 -19.76
C LEU B 582 21.48 -12.59 -19.79
N MET B 583 22.12 -12.69 -20.95
CA MET B 583 23.54 -12.42 -21.10
C MET B 583 23.84 -11.08 -21.76
N PHE B 584 22.81 -10.31 -22.09
CA PHE B 584 22.94 -8.97 -22.66
C PHE B 584 23.61 -9.02 -24.04
N ARG B 585 22.80 -9.47 -25.01
CA ARG B 585 23.20 -9.53 -26.40
C ARG B 585 22.09 -8.94 -27.25
N ASP B 586 22.44 -8.55 -28.48
CA ASP B 586 21.50 -7.99 -29.44
C ASP B 586 21.33 -8.89 -30.66
N THR B 587 21.92 -10.08 -30.65
CA THR B 587 21.83 -11.00 -31.78
C THR B 587 21.74 -12.42 -31.26
N VAL B 588 20.84 -13.20 -31.86
CA VAL B 588 20.67 -14.60 -31.50
C VAL B 588 21.61 -15.45 -32.34
N THR B 589 22.47 -16.22 -31.68
CA THR B 589 23.48 -17.03 -32.34
C THR B 589 23.11 -18.51 -32.23
N LEU B 590 24.10 -19.38 -32.47
CA LEU B 590 23.85 -20.82 -32.45
C LEU B 590 23.67 -21.34 -31.02
N GLU B 591 24.47 -20.85 -30.08
CA GLU B 591 24.40 -21.33 -28.70
C GLU B 591 23.02 -21.09 -28.11
N ASP B 592 22.37 -19.97 -28.47
CA ASP B 592 21.03 -19.69 -27.98
C ASP B 592 20.03 -20.69 -28.53
N ALA B 593 20.11 -20.97 -29.84
CA ALA B 593 19.16 -21.88 -30.47
C ALA B 593 19.41 -23.33 -30.08
N ILE B 594 20.67 -23.71 -29.87
CA ILE B 594 20.98 -25.08 -29.48
C ILE B 594 20.43 -25.38 -28.09
N THR B 595 20.58 -24.45 -27.15
CA THR B 595 20.04 -24.65 -25.81
C THR B 595 18.52 -24.69 -25.84
N VAL B 596 17.89 -24.03 -26.80
CA VAL B 596 16.43 -24.09 -26.92
C VAL B 596 15.99 -25.50 -27.30
N VAL B 597 16.69 -26.12 -28.26
CA VAL B 597 16.35 -27.49 -28.67
C VAL B 597 16.51 -28.44 -27.49
N SER B 598 17.56 -28.26 -26.69
CA SER B 598 17.78 -29.13 -25.54
C SER B 598 16.62 -29.04 -24.55
N VAL B 599 16.10 -27.83 -24.32
CA VAL B 599 15.00 -27.65 -23.38
C VAL B 599 13.68 -28.09 -24.00
N MET B 600 13.45 -27.74 -25.27
CA MET B 600 12.18 -28.07 -25.91
C MET B 600 12.06 -29.58 -26.14
N GLU B 601 13.16 -30.23 -26.53
CA GLU B 601 13.12 -31.68 -26.71
C GLU B 601 12.90 -32.39 -25.37
N SER B 602 13.59 -31.94 -24.32
CA SER B 602 13.37 -32.52 -23.00
C SER B 602 11.95 -32.29 -22.51
N SER B 603 11.32 -31.20 -22.95
CA SER B 603 9.93 -30.94 -22.57
C SER B 603 8.97 -31.86 -23.32
N MET B 604 9.28 -32.22 -24.56
CA MET B 604 8.43 -33.13 -25.31
C MET B 604 8.75 -34.59 -25.07
N GLN B 605 9.94 -34.89 -24.52
CA GLN B 605 10.26 -36.27 -24.17
C GLN B 605 9.56 -36.70 -22.88
N GLY B 606 9.63 -35.85 -21.85
CA GLY B 606 9.09 -36.21 -20.56
C GLY B 606 7.78 -35.54 -20.22
N GLY B 607 7.41 -34.50 -20.98
CA GLY B 607 6.20 -33.75 -20.74
C GLY B 607 5.12 -34.01 -21.77
N ALA B 608 4.06 -33.20 -21.69
CA ALA B 608 2.94 -33.35 -22.60
C ALA B 608 3.33 -32.87 -23.99
N LEU B 609 3.13 -33.74 -24.99
CA LEU B 609 3.44 -33.38 -26.36
C LEU B 609 2.54 -32.26 -26.84
N LEU B 610 3.14 -31.27 -27.52
CA LEU B 610 2.39 -30.14 -28.05
C LEU B 610 1.40 -30.59 -29.14
ZN ZN C . -7.95 45.01 15.07
ZN ZN D . -20.77 52.27 -10.02
#